data_5C66
#
_entry.id   5C66
#
_cell.length_a   161.260
_cell.length_b   161.260
_cell.length_c   139.432
_cell.angle_alpha   90.00
_cell.angle_beta   90.00
_cell.angle_gamma   120.00
#
_symmetry.space_group_name_H-M   'P 63 2 2'
#
loop_
_entity.id
_entity.type
_entity.pdbx_description
1 polymer 'Alkaline phosphatase'
2 non-polymer 'ZINC ION'
3 non-polymer TUNGSTATE(VI)ION
4 water water
#
_entity_poly.entity_id   1
_entity_poly.type   'polypeptide(L)'
_entity_poly.pdbx_seq_one_letter_code
;TPEMPVLENRAAQGDITAPGGARRLTGDQTAALRDSLSDKPAKNIILLIGDGMGDSEITAARNYAEGAGGFFKGIDALPL
TGQYTHYALNKKTGKPDYVTDSAASATAWSTGVKTYNGALGVDIHEKDHPTILEMAKAAGLATGNVSTAELQDATPAALV
AHVTSRKCYGPSATSEKCPGNALEKGGKGSITEQLLNARADVTLGGGAKTFAETATAGEWQGKTLREQAQARGYQLVSDA
ASLNSVTEANQQKPLLGLFADGNMPVRWLGPKATYHGNIDKPAVTCTPNPQRNDSVPTLAQMTDKAIELLSKNEKGFFLQ
VEGASIDKQDHAANPCGQIGETVDLDEAVQRALEFAKKEGNTLVIVTADHAHASQIVAPDTKAPGLTQALNTKDGAVMVM
SYGNSEEDSQEHTGSQLRIAAYGPHAANVVGLTDQTDLFYTMKAALGLKSAWSHPQFEK
;
_entity_poly.pdbx_strand_id   A,B
#
# COMPACT_ATOMS: atom_id res chain seq x y z
N ASN A 9 7.97 -12.59 -14.40
CA ASN A 9 6.69 -13.21 -13.93
C ASN A 9 6.59 -13.40 -12.40
N ARG A 10 5.54 -12.88 -11.79
CA ARG A 10 5.38 -12.96 -10.34
C ARG A 10 4.01 -13.62 -9.97
N ALA A 11 3.48 -14.50 -10.83
CA ALA A 11 2.43 -15.43 -10.41
C ALA A 11 2.96 -16.42 -9.37
N ALA A 12 2.02 -17.03 -8.64
CA ALA A 12 2.34 -18.13 -7.73
C ALA A 12 2.98 -19.28 -8.55
N GLN A 13 4.06 -19.83 -7.99
N GLN A 13 4.06 -19.86 -8.06
CA GLN A 13 4.84 -20.92 -8.59
CA GLN A 13 4.79 -20.77 -8.90
C GLN A 13 3.97 -22.08 -9.03
C GLN A 13 4.30 -22.25 -8.78
N GLY A 14 3.16 -22.53 -8.11
CA GLY A 14 2.54 -23.84 -8.24
C GLY A 14 1.32 -24.07 -7.41
N ASP A 15 1.36 -25.10 -6.58
CA ASP A 15 0.21 -25.48 -5.78
C ASP A 15 0.30 -24.67 -4.50
N ILE A 16 -0.61 -23.71 -4.40
CA ILE A 16 -0.59 -22.74 -3.32
C ILE A 16 -0.85 -23.45 -1.99
N THR A 17 -1.33 -24.70 -2.01
CA THR A 17 -1.53 -25.44 -0.76
C THR A 17 -0.31 -26.17 -0.23
N ALA A 18 0.77 -26.17 -0.97
CA ALA A 18 1.94 -26.98 -0.69
C ALA A 18 3.10 -26.07 -0.38
N PRO A 19 4.12 -26.61 0.30
CA PRO A 19 5.27 -25.74 0.61
C PRO A 19 5.81 -25.05 -0.63
N GLY A 20 5.86 -23.74 -0.60
CA GLY A 20 6.59 -23.01 -1.62
C GLY A 20 5.79 -22.78 -2.88
N GLY A 21 4.55 -23.25 -2.89
CA GLY A 21 3.70 -23.25 -4.10
C GLY A 21 3.01 -21.91 -4.32
N ALA A 22 2.92 -21.11 -3.26
CA ALA A 22 2.46 -19.70 -3.41
C ALA A 22 3.56 -18.63 -3.70
N ARG A 23 4.81 -19.04 -3.74
CA ARG A 23 5.92 -18.17 -4.04
C ARG A 23 5.75 -17.50 -5.37
N ARG A 24 6.18 -16.25 -5.44
CA ARG A 24 6.09 -15.43 -6.65
C ARG A 24 7.49 -15.30 -7.25
N LEU A 25 8.49 -15.56 -6.38
CA LEU A 25 9.90 -15.52 -6.78
C LEU A 25 10.45 -16.89 -7.09
N THR A 26 11.24 -16.94 -8.13
CA THR A 26 11.88 -18.18 -8.54
C THR A 26 13.35 -18.21 -8.15
N GLY A 27 13.95 -17.07 -7.81
CA GLY A 27 15.25 -17.12 -7.13
C GLY A 27 15.66 -15.81 -6.55
N ASP A 28 16.94 -15.68 -6.18
CA ASP A 28 17.46 -14.44 -5.58
C ASP A 28 17.43 -13.31 -6.60
N GLN A 29 16.94 -12.14 -6.18
CA GLN A 29 16.63 -11.05 -7.09
C GLN A 29 17.77 -10.01 -7.21
N THR A 30 18.87 -10.21 -6.51
CA THR A 30 19.76 -9.11 -6.33
C THR A 30 20.32 -8.73 -7.69
N ALA A 31 20.84 -9.69 -8.44
CA ALA A 31 21.45 -9.37 -9.72
C ALA A 31 20.42 -8.86 -10.77
N ALA A 32 19.21 -9.39 -10.80
CA ALA A 32 18.24 -8.93 -11.78
C ALA A 32 17.93 -7.45 -11.53
N LEU A 33 17.69 -7.12 -10.27
CA LEU A 33 17.37 -5.76 -9.91
C LEU A 33 18.58 -4.85 -10.16
N ARG A 34 19.79 -5.35 -9.93
CA ARG A 34 20.95 -4.54 -10.29
C ARG A 34 20.86 -4.14 -11.77
N ASP A 35 20.54 -5.10 -12.62
CA ASP A 35 20.48 -4.86 -14.05
C ASP A 35 19.29 -4.01 -14.45
N SER A 36 18.29 -3.91 -13.58
CA SER A 36 17.20 -2.97 -13.82
C SER A 36 17.58 -1.51 -13.57
N LEU A 37 18.83 -1.25 -13.21
CA LEU A 37 19.16 0.07 -12.68
C LEU A 37 20.01 0.87 -13.66
N SER A 38 19.38 1.84 -14.32
CA SER A 38 20.06 2.65 -15.32
C SER A 38 19.82 4.11 -14.95
N ASP A 39 20.85 4.94 -15.08
CA ASP A 39 20.71 6.38 -14.82
C ASP A 39 20.91 7.17 -16.10
N LYS A 40 20.93 6.47 -17.24
CA LYS A 40 21.10 7.11 -18.56
C LYS A 40 19.83 7.82 -18.85
N PRO A 41 19.83 8.74 -19.82
CA PRO A 41 18.60 9.52 -20.02
C PRO A 41 17.47 8.65 -20.49
N ALA A 42 16.27 9.10 -20.18
CA ALA A 42 15.09 8.56 -20.79
C ALA A 42 14.82 9.37 -22.03
N LYS A 43 14.52 8.72 -23.13
CA LYS A 43 14.18 9.41 -24.31
C LYS A 43 12.68 9.68 -24.27
N ASN A 44 11.93 8.71 -23.75
CA ASN A 44 10.51 8.86 -23.63
C ASN A 44 10.10 8.50 -22.23
N ILE A 45 8.91 8.96 -21.87
CA ILE A 45 8.29 8.56 -20.64
C ILE A 45 6.87 8.24 -20.95
N ILE A 46 6.36 7.17 -20.34
CA ILE A 46 4.91 6.93 -20.35
C ILE A 46 4.49 6.81 -18.90
N LEU A 47 3.55 7.67 -18.53
CA LEU A 47 3.06 7.72 -17.20
C LEU A 47 1.63 7.22 -17.24
N LEU A 48 1.35 6.14 -16.52
CA LEU A 48 -0.02 5.67 -16.46
C LEU A 48 -0.58 5.83 -15.06
N ILE A 49 -1.72 6.47 -14.96
CA ILE A 49 -2.39 6.69 -13.71
C ILE A 49 -3.71 5.91 -13.67
N GLY A 50 -3.94 5.15 -12.60
CA GLY A 50 -5.25 4.58 -12.33
C GLY A 50 -5.80 5.52 -11.31
N ASP A 51 -6.87 6.20 -11.63
CA ASP A 51 -7.42 7.19 -10.71
C ASP A 51 -8.08 6.40 -9.59
N GLY A 52 -7.72 6.73 -8.34
CA GLY A 52 -8.29 6.05 -7.21
C GLY A 52 -7.69 4.67 -7.01
N MET A 53 -6.65 4.31 -7.75
CA MET A 53 -6.12 2.96 -7.71
C MET A 53 -5.10 2.70 -6.57
N GLY A 54 -5.61 2.56 -5.36
CA GLY A 54 -4.73 2.21 -4.25
C GLY A 54 -4.33 0.76 -4.31
N ASP A 55 -3.48 0.38 -3.38
CA ASP A 55 -3.12 -1.00 -3.22
C ASP A 55 -4.36 -1.92 -3.04
N SER A 56 -5.38 -1.45 -2.36
CA SER A 56 -6.54 -2.27 -2.13
C SER A 56 -7.22 -2.57 -3.46
N GLU A 57 -7.35 -1.52 -4.29
CA GLU A 57 -8.00 -1.63 -5.58
C GLU A 57 -7.20 -2.63 -6.50
N ILE A 58 -5.89 -2.58 -6.46
CA ILE A 58 -5.11 -3.46 -7.29
C ILE A 58 -5.39 -4.88 -6.87
N THR A 59 -5.40 -5.08 -5.55
CA THR A 59 -5.55 -6.37 -4.93
C THR A 59 -6.87 -6.98 -5.22
N ALA A 60 -7.92 -6.22 -5.04
CA ALA A 60 -9.25 -6.71 -5.37
C ALA A 60 -9.36 -7.15 -6.82
N ALA A 61 -8.80 -6.35 -7.72
CA ALA A 61 -8.90 -6.62 -9.14
C ALA A 61 -8.10 -7.86 -9.48
N ARG A 62 -6.87 -7.94 -9.02
CA ARG A 62 -6.10 -9.13 -9.24
C ARG A 62 -6.84 -10.37 -8.72
N ASN A 63 -7.34 -10.29 -7.49
CA ASN A 63 -7.98 -11.42 -6.86
C ASN A 63 -9.10 -11.92 -7.76
N TYR A 64 -9.89 -10.98 -8.29
CA TYR A 64 -11.08 -11.30 -9.02
C TYR A 64 -10.74 -11.86 -10.41
N ALA A 65 -9.91 -11.14 -11.14
CA ALA A 65 -9.66 -11.41 -12.53
C ALA A 65 -8.59 -12.43 -12.73
N GLU A 66 -7.51 -12.32 -11.97
CA GLU A 66 -6.40 -13.28 -12.14
C GLU A 66 -6.29 -14.33 -11.03
N GLY A 67 -7.17 -14.29 -10.01
CA GLY A 67 -6.96 -15.14 -8.81
C GLY A 67 -5.87 -14.56 -7.89
N ALA A 68 -5.96 -14.92 -6.62
CA ALA A 68 -5.08 -14.40 -5.57
C ALA A 68 -3.64 -14.62 -5.87
N GLY A 69 -3.34 -15.77 -6.45
CA GLY A 69 -1.96 -16.08 -6.77
C GLY A 69 -1.61 -15.69 -8.17
N GLY A 70 -2.53 -15.03 -8.87
CA GLY A 70 -2.29 -14.51 -10.22
C GLY A 70 -1.40 -13.27 -10.29
N PHE A 71 -1.31 -12.71 -11.48
CA PHE A 71 -0.30 -11.69 -11.79
C PHE A 71 -0.87 -10.86 -12.95
N PHE A 72 -0.97 -9.56 -12.75
CA PHE A 72 -1.33 -8.60 -13.81
C PHE A 72 -0.09 -8.39 -14.63
N LYS A 73 -0.14 -8.79 -15.90
CA LYS A 73 1.07 -8.88 -16.72
C LYS A 73 1.63 -7.51 -17.03
N GLY A 74 0.77 -6.50 -16.92
CA GLY A 74 1.16 -5.10 -16.98
C GLY A 74 1.41 -4.50 -15.60
N ILE A 75 0.30 -4.22 -14.91
CA ILE A 75 0.35 -3.58 -13.58
C ILE A 75 1.37 -4.18 -12.62
N ASP A 76 1.43 -5.51 -12.51
CA ASP A 76 2.28 -6.13 -11.51
C ASP A 76 3.72 -6.37 -11.95
N ALA A 77 4.06 -5.93 -13.17
CA ALA A 77 5.30 -6.37 -13.80
C ALA A 77 6.40 -5.35 -13.73
N LEU A 78 6.16 -4.19 -13.13
CA LEU A 78 7.20 -3.19 -13.09
C LEU A 78 8.08 -3.51 -11.90
N PRO A 79 9.37 -3.63 -12.11
CA PRO A 79 10.25 -4.19 -11.07
C PRO A 79 10.72 -3.26 -9.94
N LEU A 80 10.56 -1.94 -10.07
CA LEU A 80 11.04 -0.99 -9.05
C LEU A 80 9.84 -0.30 -8.43
N THR A 81 9.59 -0.59 -7.17
CA THR A 81 8.36 -0.19 -6.50
C THR A 81 8.66 0.63 -5.23
N GLY A 82 7.71 1.50 -4.86
CA GLY A 82 7.76 2.14 -3.57
C GLY A 82 6.38 2.58 -3.17
N GLN A 83 6.36 3.47 -2.20
CA GLN A 83 5.08 4.01 -1.69
C GLN A 83 5.25 5.51 -1.68
N TYR A 84 4.24 6.24 -2.22
CA TYR A 84 4.26 7.69 -2.20
C TYR A 84 3.09 8.36 -1.52
N THR A 85 3.38 9.53 -0.97
CA THR A 85 2.40 10.40 -0.30
C THR A 85 1.77 11.46 -1.24
N HIS A 86 0.49 11.69 -1.08
CA HIS A 86 -0.22 12.58 -2.02
C HIS A 86 -1.13 13.59 -1.30
N TYR A 87 -0.89 13.81 0.01
CA TYR A 87 -1.66 14.85 0.78
C TYR A 87 -1.64 16.17 -0.01
N ALA A 88 -2.77 16.85 -0.02
CA ALA A 88 -2.86 18.22 -0.58
C ALA A 88 -2.66 19.28 0.55
N LEU A 89 -3.06 20.52 0.30
CA LEU A 89 -2.82 21.61 1.25
C LEU A 89 -4.10 22.34 1.41
N ASN A 90 -4.34 22.86 2.60
CA ASN A 90 -5.49 23.71 2.83
C ASN A 90 -5.17 25.06 2.21
N LYS A 91 -6.10 25.63 1.47
CA LYS A 91 -5.79 26.83 0.67
C LYS A 91 -5.46 28.03 1.57
N LYS A 92 -6.14 28.15 2.68
CA LYS A 92 -5.95 29.27 3.57
C LYS A 92 -4.74 29.16 4.45
N THR A 93 -4.57 27.99 5.08
CA THR A 93 -3.55 27.80 6.09
C THR A 93 -2.26 27.38 5.47
N GLY A 94 -2.29 26.80 4.28
CA GLY A 94 -1.06 26.15 3.81
C GLY A 94 -0.67 24.81 4.53
N LYS A 95 -1.48 24.38 5.48
CA LYS A 95 -1.19 23.10 6.17
C LYS A 95 -1.65 21.90 5.32
N PRO A 96 -1.16 20.68 5.65
CA PRO A 96 -1.58 19.53 4.85
C PRO A 96 -3.04 19.31 4.98
N ASP A 97 -3.65 18.89 3.87
CA ASP A 97 -5.00 18.36 3.85
C ASP A 97 -4.80 16.89 3.50
N TYR A 98 -5.10 16.01 4.44
CA TYR A 98 -4.61 14.61 4.38
C TYR A 98 -5.27 13.75 3.27
N VAL A 99 -6.45 14.15 2.77
CA VAL A 99 -7.16 13.48 1.67
C VAL A 99 -7.35 14.39 0.42
N THR A 100 -6.52 14.19 -0.58
CA THR A 100 -6.56 15.02 -1.81
C THR A 100 -7.74 14.65 -2.72
N ASP A 101 -8.10 15.55 -3.66
CA ASP A 101 -8.91 15.24 -4.81
C ASP A 101 -7.93 15.04 -5.96
N SER A 102 -8.47 14.74 -7.13
CA SER A 102 -7.69 14.46 -8.35
C SER A 102 -6.97 15.64 -8.93
N ALA A 103 -7.51 16.83 -8.71
CA ALA A 103 -6.91 18.07 -9.20
C ALA A 103 -5.64 18.45 -8.45
N ALA A 104 -5.68 18.47 -7.10
CA ALA A 104 -4.42 18.81 -6.39
C ALA A 104 -3.32 17.81 -6.65
N SER A 105 -3.67 16.51 -6.69
CA SER A 105 -2.72 15.41 -6.87
C SER A 105 -2.10 15.44 -8.27
N ALA A 106 -2.93 15.51 -9.30
CA ALA A 106 -2.40 15.63 -10.67
C ALA A 106 -1.57 16.95 -10.83
N THR A 107 -2.00 18.02 -10.16
CA THR A 107 -1.16 19.23 -10.15
C THR A 107 0.21 18.96 -9.53
N ALA A 108 0.27 18.11 -8.51
CA ALA A 108 1.57 17.84 -7.87
C ALA A 108 2.55 17.11 -8.78
N TRP A 109 2.12 16.07 -9.49
CA TRP A 109 3.16 15.36 -10.25
C TRP A 109 3.42 16.08 -11.56
N SER A 110 2.44 16.87 -12.01
CA SER A 110 2.58 17.64 -13.24
C SER A 110 3.35 18.99 -13.10
N THR A 111 3.31 19.63 -11.92
CA THR A 111 4.11 20.84 -11.66
C THR A 111 5.19 20.72 -10.58
N GLY A 112 5.09 19.74 -9.70
CA GLY A 112 6.12 19.63 -8.66
C GLY A 112 5.83 20.55 -7.47
N VAL A 113 4.61 21.07 -7.41
CA VAL A 113 4.15 21.90 -6.32
C VAL A 113 2.78 21.44 -5.84
N LYS A 114 2.66 21.31 -4.51
CA LYS A 114 1.40 21.00 -3.84
C LYS A 114 0.44 22.13 -4.00
N THR A 115 -0.84 21.85 -3.78
CA THR A 115 -1.91 22.84 -3.94
C THR A 115 -3.15 22.40 -3.24
N TYR A 116 -4.22 23.21 -3.33
CA TYR A 116 -5.44 22.89 -2.60
C TYR A 116 -6.35 22.04 -3.44
N ASN A 117 -7.34 21.44 -2.81
CA ASN A 117 -8.20 20.51 -3.50
C ASN A 117 -9.05 21.29 -4.50
N GLY A 118 -9.12 20.79 -5.74
CA GLY A 118 -9.93 21.45 -6.79
C GLY A 118 -9.10 22.38 -7.67
N ALA A 119 -7.84 22.64 -7.30
CA ALA A 119 -6.95 23.48 -8.11
C ALA A 119 -6.29 22.68 -9.23
N LEU A 120 -6.08 23.35 -10.36
CA LEU A 120 -5.38 22.81 -11.48
C LEU A 120 -4.22 23.68 -11.97
N GLY A 121 -3.00 23.12 -11.94
CA GLY A 121 -1.81 23.83 -12.41
C GLY A 121 -1.49 25.16 -11.70
N VAL A 122 -2.12 25.38 -10.53
CA VAL A 122 -1.86 26.56 -9.73
C VAL A 122 -1.55 26.14 -8.29
N ASP A 123 -0.82 27.01 -7.59
CA ASP A 123 -0.45 26.77 -6.21
C ASP A 123 -1.52 27.36 -5.35
N ILE A 124 -1.35 27.34 -4.02
CA ILE A 124 -2.41 27.87 -3.14
C ILE A 124 -2.56 29.36 -3.28
N HIS A 125 -1.60 30.04 -3.90
CA HIS A 125 -1.63 31.51 -4.07
C HIS A 125 -2.26 31.82 -5.41
N GLU A 126 -2.74 30.79 -6.11
CA GLU A 126 -3.35 30.91 -7.45
C GLU A 126 -2.39 31.32 -8.56
N LYS A 127 -1.12 31.09 -8.32
CA LYS A 127 -0.13 31.40 -9.28
C LYS A 127 0.10 30.18 -10.20
N ASP A 128 0.30 30.41 -11.49
CA ASP A 128 0.46 29.32 -12.43
C ASP A 128 1.83 28.73 -12.22
N HIS A 129 1.96 27.45 -12.53
CA HIS A 129 3.25 26.83 -12.65
C HIS A 129 3.29 25.94 -13.90
N PRO A 130 4.39 25.96 -14.65
CA PRO A 130 4.49 25.13 -15.85
C PRO A 130 4.42 23.62 -15.63
N THR A 131 3.77 22.91 -16.56
CA THR A 131 3.68 21.47 -16.49
C THR A 131 4.75 20.70 -17.22
N ILE A 132 4.87 19.46 -16.84
CA ILE A 132 5.83 18.58 -17.48
C ILE A 132 5.43 18.45 -18.97
N LEU A 133 4.15 18.42 -19.30
CA LEU A 133 3.80 18.32 -20.72
C LEU A 133 4.27 19.61 -21.44
N GLU A 134 3.97 20.79 -20.88
CA GLU A 134 4.32 22.05 -21.52
C GLU A 134 5.82 22.10 -21.69
N MET A 135 6.56 21.56 -20.71
N MET A 135 6.56 21.60 -20.71
CA MET A 135 8.03 21.63 -20.72
CA MET A 135 8.02 21.65 -20.79
C MET A 135 8.65 20.66 -21.75
C MET A 135 8.47 20.76 -21.94
N ALA A 136 7.99 19.52 -21.92
CA ALA A 136 8.34 18.55 -22.93
C ALA A 136 8.18 19.16 -24.29
N LYS A 137 7.02 19.71 -24.54
CA LYS A 137 6.75 20.34 -25.81
C LYS A 137 7.74 21.49 -26.12
N ALA A 138 8.03 22.33 -25.14
CA ALA A 138 9.02 23.36 -25.34
C ALA A 138 10.41 22.79 -25.67
N ALA A 139 10.81 21.68 -25.06
CA ALA A 139 12.12 21.10 -25.41
C ALA A 139 12.13 20.36 -26.78
N GLY A 140 11.00 20.38 -27.50
CA GLY A 140 10.87 19.72 -28.82
C GLY A 140 10.36 18.30 -28.83
N LEU A 141 9.92 17.80 -27.68
CA LEU A 141 9.42 16.45 -27.58
C LEU A 141 7.99 16.41 -28.02
N ALA A 142 7.54 15.21 -28.39
CA ALA A 142 6.16 15.00 -28.76
C ALA A 142 5.43 14.70 -27.45
N THR A 143 4.14 14.99 -27.46
CA THR A 143 3.37 14.98 -26.24
C THR A 143 2.02 14.36 -26.47
N GLY A 144 1.67 13.38 -25.64
CA GLY A 144 0.27 12.94 -25.61
C GLY A 144 -0.37 12.84 -24.25
N ASN A 145 -1.71 12.89 -24.27
CA ASN A 145 -2.53 13.02 -23.13
C ASN A 145 -3.75 12.20 -23.36
N VAL A 146 -3.89 11.09 -22.63
CA VAL A 146 -4.99 10.14 -22.93
C VAL A 146 -5.78 9.71 -21.72
N SER A 147 -7.07 9.61 -21.85
CA SER A 147 -7.87 9.28 -20.70
C SER A 147 -9.26 8.77 -21.08
N THR A 148 -9.83 7.91 -20.24
CA THR A 148 -11.22 7.46 -20.37
C THR A 148 -12.21 8.38 -19.76
N ALA A 149 -11.72 9.45 -19.11
CA ALA A 149 -12.62 10.47 -18.53
C ALA A 149 -12.89 11.51 -19.60
N GLU A 150 -13.89 12.37 -19.37
CA GLU A 150 -13.94 13.63 -20.14
C GLU A 150 -12.58 14.35 -20.07
N LEU A 151 -12.09 14.92 -21.18
CA LEU A 151 -10.71 15.44 -21.21
C LEU A 151 -10.54 16.71 -20.34
N GLN A 152 -11.64 17.35 -19.98
CA GLN A 152 -11.60 18.50 -19.03
C GLN A 152 -11.44 18.06 -17.55
N ASP A 153 -11.54 16.77 -17.29
CA ASP A 153 -11.61 16.26 -15.93
C ASP A 153 -10.21 16.43 -15.39
N ALA A 154 -10.09 16.46 -14.06
CA ALA A 154 -8.86 16.93 -13.44
C ALA A 154 -7.60 16.27 -13.95
N THR A 155 -7.63 14.96 -14.13
CA THR A 155 -6.37 14.24 -14.31
C THR A 155 -5.73 14.64 -15.64
N PRO A 156 -6.48 14.52 -16.76
CA PRO A 156 -5.85 15.05 -18.00
C PRO A 156 -5.77 16.55 -18.02
N ALA A 157 -6.79 17.25 -17.53
CA ALA A 157 -6.75 18.72 -17.62
C ALA A 157 -5.50 19.35 -16.94
N ALA A 158 -4.98 18.71 -15.89
CA ALA A 158 -3.85 19.27 -15.16
C ALA A 158 -2.61 19.47 -15.98
N LEU A 159 -2.47 18.75 -17.08
CA LEU A 159 -1.23 18.86 -17.84
C LEU A 159 -1.22 20.07 -18.75
N VAL A 160 -2.41 20.61 -19.03
CA VAL A 160 -2.60 21.63 -20.09
C VAL A 160 -3.41 22.85 -19.67
N ALA A 161 -3.93 22.86 -18.44
CA ALA A 161 -4.77 23.98 -17.97
C ALA A 161 -4.41 24.49 -16.56
N HIS A 162 -4.63 25.80 -16.38
CA HIS A 162 -4.30 26.48 -15.13
C HIS A 162 -5.50 27.24 -14.66
N VAL A 163 -6.24 26.64 -13.72
CA VAL A 163 -7.44 27.26 -13.24
C VAL A 163 -7.55 27.08 -11.76
N THR A 164 -8.39 27.92 -11.19
CA THR A 164 -8.51 28.07 -9.74
C THR A 164 -9.53 27.10 -9.20
N SER A 165 -10.45 26.66 -10.06
CA SER A 165 -11.32 25.53 -9.80
C SER A 165 -11.47 24.58 -11.04
N ARG A 166 -11.39 23.29 -10.73
CA ARG A 166 -11.53 22.21 -11.69
C ARG A 166 -12.86 22.18 -12.41
N LYS A 167 -13.85 22.85 -11.84
CA LYS A 167 -15.15 22.88 -12.47
C LYS A 167 -15.22 23.80 -13.76
N CYS A 168 -14.12 24.46 -14.08
CA CYS A 168 -14.15 25.51 -15.14
C CYS A 168 -13.87 24.89 -16.54
N TYR A 169 -14.82 24.02 -16.92
CA TYR A 169 -14.72 23.12 -18.11
C TYR A 169 -14.64 23.96 -19.40
N GLY A 170 -15.62 24.85 -19.57
CA GLY A 170 -15.57 25.80 -20.70
C GLY A 170 -16.03 27.20 -20.34
N PRO A 171 -16.15 28.07 -21.35
CA PRO A 171 -16.44 29.50 -21.14
C PRO A 171 -17.59 29.72 -20.13
N SER A 172 -18.62 28.91 -20.22
CA SER A 172 -19.80 29.13 -19.43
C SER A 172 -19.46 29.08 -17.97
N ALA A 173 -18.80 28.02 -17.55
CA ALA A 173 -18.61 27.83 -16.10
C ALA A 173 -17.39 28.61 -15.66
N THR A 174 -16.46 28.85 -16.55
CA THR A 174 -15.29 29.59 -16.20
C THR A 174 -15.65 31.03 -15.84
N SER A 175 -16.56 31.66 -16.57
CA SER A 175 -16.89 33.07 -16.31
C SER A 175 -17.42 33.16 -14.89
N GLU A 176 -18.19 32.17 -14.48
CA GLU A 176 -18.77 32.31 -13.16
C GLU A 176 -18.06 31.61 -11.98
N LYS A 177 -17.16 30.66 -12.22
CA LYS A 177 -16.49 30.00 -11.11
C LYS A 177 -15.04 30.34 -11.02
N CYS A 178 -14.39 30.67 -12.15
CA CYS A 178 -12.98 31.09 -12.19
C CYS A 178 -12.88 32.47 -12.89
N PRO A 179 -13.55 33.47 -12.29
CA PRO A 179 -13.64 34.77 -12.98
C PRO A 179 -12.28 35.33 -13.42
N GLY A 180 -11.24 35.12 -12.64
CA GLY A 180 -9.88 35.50 -13.04
C GLY A 180 -9.28 34.74 -14.20
N ASN A 181 -9.80 33.57 -14.57
CA ASN A 181 -9.23 32.85 -15.74
C ASN A 181 -10.06 33.08 -17.06
N ALA A 182 -11.30 33.52 -16.88
CA ALA A 182 -12.23 33.77 -17.96
C ALA A 182 -11.58 34.66 -18.99
N LEU A 183 -11.76 34.26 -20.25
CA LEU A 183 -11.06 34.88 -21.37
C LEU A 183 -11.54 36.31 -21.46
N GLU A 184 -12.85 36.51 -21.34
CA GLU A 184 -13.45 37.82 -21.50
C GLU A 184 -12.94 38.78 -20.42
N LYS A 185 -12.43 38.26 -19.29
CA LYS A 185 -11.80 39.09 -18.24
C LYS A 185 -10.32 39.11 -18.35
N GLY A 186 -9.77 38.67 -19.47
CA GLY A 186 -8.31 38.72 -19.60
C GLY A 186 -7.50 37.55 -19.08
N GLY A 187 -8.19 36.46 -18.70
CA GLY A 187 -7.48 35.27 -18.21
C GLY A 187 -7.01 34.38 -19.36
N LYS A 188 -6.29 33.33 -19.02
CA LYS A 188 -5.90 32.35 -20.00
C LYS A 188 -7.02 31.56 -20.65
N GLY A 189 -8.20 31.57 -20.01
CA GLY A 189 -9.39 30.91 -20.50
C GLY A 189 -9.77 29.65 -19.74
N SER A 190 -10.88 29.06 -20.16
CA SER A 190 -11.37 27.77 -19.63
C SER A 190 -10.40 26.65 -19.86
N ILE A 191 -10.64 25.54 -19.19
CA ILE A 191 -9.81 24.34 -19.34
C ILE A 191 -9.77 23.90 -20.80
N THR A 192 -10.94 23.88 -21.43
CA THR A 192 -10.99 23.46 -22.88
C THR A 192 -10.16 24.45 -23.74
N GLU A 193 -10.32 25.77 -23.49
CA GLU A 193 -9.58 26.78 -24.30
C GLU A 193 -8.12 26.62 -24.05
N GLN A 194 -7.73 26.38 -22.81
CA GLN A 194 -6.29 26.27 -22.56
C GLN A 194 -5.76 24.98 -23.12
N LEU A 195 -6.55 23.91 -22.99
CA LEU A 195 -6.21 22.64 -23.65
C LEU A 195 -5.89 22.90 -25.16
N LEU A 196 -6.76 23.62 -25.83
CA LEU A 196 -6.49 23.86 -27.26
C LEU A 196 -5.23 24.67 -27.49
N ASN A 197 -4.98 25.66 -26.65
CA ASN A 197 -3.73 26.42 -26.77
C ASN A 197 -2.50 25.57 -26.53
N ALA A 198 -2.59 24.60 -25.64
CA ALA A 198 -1.41 23.86 -25.29
C ALA A 198 -1.02 22.94 -26.43
N ARG A 199 -2.00 22.44 -27.19
CA ARG A 199 -1.69 21.78 -28.45
C ARG A 199 -0.70 20.63 -28.30
N ALA A 200 -1.10 19.65 -27.48
CA ALA A 200 -0.35 18.44 -27.38
C ALA A 200 -0.45 17.78 -28.75
N ASP A 201 0.56 17.04 -29.17
CA ASP A 201 0.44 16.30 -30.45
C ASP A 201 -0.73 15.35 -30.46
N VAL A 202 -0.92 14.64 -29.34
CA VAL A 202 -2.01 13.63 -29.21
C VAL A 202 -2.84 13.78 -27.92
N THR A 203 -4.13 13.95 -28.08
CA THR A 203 -5.04 14.12 -27.00
C THR A 203 -6.32 13.30 -27.25
N LEU A 204 -6.57 12.30 -26.40
CA LEU A 204 -7.66 11.34 -26.63
C LEU A 204 -8.48 11.07 -25.39
N GLY A 205 -9.76 11.23 -25.51
CA GLY A 205 -10.64 10.87 -24.44
C GLY A 205 -12.07 11.19 -24.74
N GLY A 206 -12.85 11.38 -23.68
CA GLY A 206 -14.22 11.83 -23.82
C GLY A 206 -14.22 13.34 -23.60
N GLY A 207 -15.37 13.86 -23.28
CA GLY A 207 -15.56 15.31 -23.10
C GLY A 207 -15.90 16.14 -24.36
N ALA A 208 -16.58 15.52 -25.32
CA ALA A 208 -17.06 16.24 -26.49
C ALA A 208 -18.10 17.30 -26.11
N LYS A 209 -18.91 17.05 -25.09
CA LYS A 209 -19.99 17.95 -24.70
C LYS A 209 -19.60 19.45 -24.58
N THR A 210 -18.42 19.68 -24.00
CA THR A 210 -18.01 21.01 -23.66
C THR A 210 -17.57 21.71 -24.94
N PHE A 211 -17.13 20.95 -25.92
CA PHE A 211 -16.68 21.56 -27.17
C PHE A 211 -17.76 22.21 -27.99
N ALA A 212 -19.02 22.00 -27.59
CA ALA A 212 -20.17 22.63 -28.19
C ALA A 212 -20.43 24.05 -27.70
N GLU A 213 -19.78 24.47 -26.64
CA GLU A 213 -19.96 25.84 -26.18
C GLU A 213 -19.24 26.77 -27.10
N THR A 214 -19.69 28.02 -27.14
CA THR A 214 -19.03 29.03 -27.96
C THR A 214 -18.16 30.03 -27.14
N ALA A 215 -16.96 30.37 -27.64
CA ALA A 215 -16.06 31.32 -26.90
C ALA A 215 -16.60 32.76 -26.88
N THR A 216 -16.45 33.42 -25.74
CA THR A 216 -16.99 34.75 -25.49
C THR A 216 -16.06 35.91 -25.90
N ALA A 217 -14.84 35.62 -26.40
CA ALA A 217 -13.86 36.62 -26.64
C ALA A 217 -12.75 35.89 -27.34
N GLY A 218 -11.68 36.59 -27.75
CA GLY A 218 -10.51 35.95 -28.33
C GLY A 218 -10.70 35.82 -29.83
N GLU A 219 -9.67 35.31 -30.50
CA GLU A 219 -9.69 35.19 -31.95
C GLU A 219 -10.84 34.36 -32.53
N TRP A 220 -11.31 33.38 -31.77
CA TRP A 220 -12.30 32.45 -32.27
C TRP A 220 -13.61 32.69 -31.59
N GLN A 221 -13.77 33.95 -31.24
CA GLN A 221 -14.93 34.38 -30.54
C GLN A 221 -16.14 34.07 -31.40
N GLY A 222 -17.25 33.67 -30.78
CA GLY A 222 -18.48 33.43 -31.51
C GLY A 222 -18.61 32.07 -32.18
N LYS A 223 -17.49 31.36 -32.29
CA LYS A 223 -17.45 29.98 -32.75
C LYS A 223 -17.41 28.96 -31.59
N THR A 224 -17.90 27.75 -31.89
CA THR A 224 -17.76 26.62 -30.98
C THR A 224 -16.32 26.21 -30.84
N LEU A 225 -16.06 25.63 -29.68
CA LEU A 225 -14.74 25.23 -29.38
C LEU A 225 -14.36 24.14 -30.39
N ARG A 226 -15.33 23.37 -30.87
CA ARG A 226 -15.04 22.37 -31.95
C ARG A 226 -14.55 23.07 -33.24
N GLU A 227 -15.34 24.04 -33.66
CA GLU A 227 -14.93 24.84 -34.83
C GLU A 227 -13.60 25.49 -34.64
N GLN A 228 -13.29 25.87 -33.39
CA GLN A 228 -11.96 26.47 -33.11
C GLN A 228 -10.85 25.52 -33.38
N ALA A 229 -11.02 24.29 -32.88
CA ALA A 229 -10.07 23.22 -33.09
C ALA A 229 -9.80 23.01 -34.58
N GLN A 230 -10.88 22.90 -35.37
CA GLN A 230 -10.80 22.69 -36.83
C GLN A 230 -10.00 23.83 -37.42
N ALA A 231 -10.47 25.03 -37.16
CA ALA A 231 -9.82 26.22 -37.66
C ALA A 231 -8.37 26.29 -37.24
N ARG A 232 -7.97 25.65 -36.14
CA ARG A 232 -6.54 25.75 -35.75
C ARG A 232 -5.66 24.62 -36.24
N GLY A 233 -6.13 23.84 -37.22
CA GLY A 233 -5.29 22.77 -37.75
C GLY A 233 -5.44 21.36 -37.12
N TYR A 234 -6.36 21.17 -36.18
CA TYR A 234 -6.49 19.89 -35.45
C TYR A 234 -7.27 18.88 -36.31
N GLN A 235 -6.84 17.62 -36.31
CA GLN A 235 -7.69 16.56 -36.87
C GLN A 235 -8.51 16.01 -35.74
N LEU A 236 -9.82 15.98 -35.93
CA LEU A 236 -10.78 15.50 -34.96
C LEU A 236 -11.30 14.09 -35.31
N VAL A 237 -11.28 13.18 -34.33
CA VAL A 237 -11.88 11.86 -34.49
C VAL A 237 -12.87 11.60 -33.38
N SER A 238 -13.84 10.76 -33.69
CA SER A 238 -14.86 10.43 -32.77
C SER A 238 -15.05 8.91 -32.53
N ASP A 239 -14.29 8.02 -33.18
CA ASP A 239 -14.46 6.56 -32.94
C ASP A 239 -13.20 5.83 -33.24
N ALA A 240 -13.25 4.51 -33.07
CA ALA A 240 -12.04 3.68 -33.20
C ALA A 240 -11.46 3.57 -34.63
N ALA A 241 -12.34 3.42 -35.61
CA ALA A 241 -11.95 3.32 -37.03
C ALA A 241 -11.30 4.60 -37.51
N SER A 242 -11.95 5.71 -37.21
CA SER A 242 -11.36 7.00 -37.60
C SER A 242 -10.02 7.22 -36.86
N LEU A 243 -10.00 6.88 -35.60
CA LEU A 243 -8.75 6.99 -34.89
C LEU A 243 -7.72 6.09 -35.57
N ASN A 244 -8.12 4.85 -35.88
CA ASN A 244 -7.12 3.93 -36.48
C ASN A 244 -6.47 4.51 -37.70
N SER A 245 -7.23 5.21 -38.50
CA SER A 245 -6.74 5.63 -39.81
C SER A 245 -5.81 6.89 -39.77
N VAL A 246 -5.62 7.52 -38.61
CA VAL A 246 -4.68 8.65 -38.54
C VAL A 246 -3.27 8.15 -38.75
N THR A 247 -2.49 8.89 -39.49
CA THR A 247 -1.15 8.42 -39.86
C THR A 247 -0.03 9.23 -39.31
N GLU A 248 -0.36 10.47 -38.95
CA GLU A 248 0.57 11.31 -38.28
C GLU A 248 -0.18 12.25 -37.29
N ALA A 249 0.57 12.71 -36.30
CA ALA A 249 0.10 13.75 -35.36
C ALA A 249 1.34 14.57 -35.00
N ASN A 250 1.25 15.89 -35.13
CA ASN A 250 2.38 16.79 -34.84
C ASN A 250 1.85 18.20 -34.65
N GLN A 251 2.77 19.14 -34.57
CA GLN A 251 2.35 20.53 -34.35
C GLN A 251 1.53 21.11 -35.53
N GLN A 252 1.67 20.55 -36.74
CA GLN A 252 0.94 21.12 -37.92
C GLN A 252 -0.43 20.52 -37.95
N LYS A 253 -0.48 19.23 -37.64
CA LYS A 253 -1.74 18.49 -37.59
C LYS A 253 -1.82 17.74 -36.25
N PRO A 254 -2.16 18.46 -35.16
CA PRO A 254 -2.30 17.78 -33.91
C PRO A 254 -3.60 16.99 -33.89
N LEU A 255 -3.60 15.90 -33.13
CA LEU A 255 -4.74 14.98 -33.07
C LEU A 255 -5.57 15.17 -31.82
N LEU A 256 -6.86 15.32 -32.01
CA LEU A 256 -7.76 15.39 -30.91
C LEU A 256 -8.89 14.40 -31.12
N GLY A 257 -8.99 13.39 -30.25
CA GLY A 257 -10.08 12.45 -30.26
C GLY A 257 -11.06 12.57 -29.11
N LEU A 258 -12.34 12.59 -29.44
CA LEU A 258 -13.45 12.83 -28.57
C LEU A 258 -14.49 11.73 -28.73
N PHE A 259 -14.45 10.76 -27.84
CA PHE A 259 -15.14 9.48 -28.04
C PHE A 259 -16.39 9.34 -27.26
N ALA A 260 -16.80 10.41 -26.60
CA ALA A 260 -18.05 10.36 -25.86
C ALA A 260 -18.37 11.76 -25.41
N ASP A 261 -19.66 11.92 -25.06
CA ASP A 261 -20.19 13.17 -24.63
C ASP A 261 -19.50 13.63 -23.33
N GLY A 262 -19.45 12.70 -22.35
CA GLY A 262 -18.84 12.95 -21.04
C GLY A 262 -17.80 11.88 -20.83
N ASN A 263 -17.93 11.06 -19.80
CA ASN A 263 -16.94 9.98 -19.64
C ASN A 263 -17.21 8.84 -20.64
N MET A 264 -16.15 8.13 -21.01
CA MET A 264 -16.27 6.96 -21.88
C MET A 264 -16.92 5.83 -21.06
N PRO A 265 -17.74 4.96 -21.70
CA PRO A 265 -18.41 3.95 -20.86
C PRO A 265 -17.42 2.94 -20.31
N VAL A 266 -17.76 2.36 -19.15
CA VAL A 266 -16.87 1.36 -18.57
C VAL A 266 -16.94 0.01 -19.28
N ARG A 267 -15.94 -0.83 -19.02
CA ARG A 267 -15.88 -2.14 -19.65
C ARG A 267 -16.81 -3.17 -19.09
N TRP A 268 -17.01 -3.21 -17.76
CA TRP A 268 -17.84 -4.25 -17.12
C TRP A 268 -19.06 -3.76 -16.40
N LEU A 269 -20.13 -4.56 -16.43
CA LEU A 269 -21.38 -4.28 -15.75
C LEU A 269 -21.49 -5.23 -14.55
N GLY A 270 -22.05 -4.74 -13.45
CA GLY A 270 -22.46 -5.50 -12.29
C GLY A 270 -23.28 -4.60 -11.40
N PRO A 271 -23.95 -5.12 -10.39
CA PRO A 271 -24.85 -4.25 -9.64
C PRO A 271 -24.09 -3.45 -8.59
N LYS A 272 -24.71 -2.40 -8.09
CA LYS A 272 -24.10 -1.58 -7.07
C LYS A 272 -24.09 -2.37 -5.76
N ALA A 273 -23.03 -2.21 -4.95
CA ALA A 273 -22.97 -2.77 -3.57
C ALA A 273 -24.10 -2.21 -2.76
N THR A 274 -24.63 -2.98 -1.84
CA THR A 274 -25.74 -2.51 -0.99
C THR A 274 -25.49 -2.86 0.45
N TYR A 275 -26.27 -2.25 1.33
CA TYR A 275 -26.18 -2.53 2.75
C TYR A 275 -26.46 -4.01 2.98
N HIS A 276 -25.54 -4.75 3.61
CA HIS A 276 -25.70 -6.19 3.85
C HIS A 276 -25.80 -6.96 2.50
N GLY A 277 -25.24 -6.43 1.44
CA GLY A 277 -25.34 -7.11 0.14
C GLY A 277 -24.58 -8.42 0.09
N ASN A 278 -23.48 -8.53 0.83
CA ASN A 278 -22.79 -9.83 0.90
C ASN A 278 -23.60 -10.91 1.55
N ILE A 279 -24.70 -10.56 2.24
CA ILE A 279 -25.54 -11.47 2.99
C ILE A 279 -26.89 -11.72 2.32
N ASP A 280 -27.56 -10.64 1.95
CA ASP A 280 -28.91 -10.65 1.40
C ASP A 280 -28.95 -10.87 -0.13
N LYS A 281 -27.80 -10.76 -0.83
CA LYS A 281 -27.80 -10.91 -2.27
C LYS A 281 -26.77 -11.91 -2.66
N PRO A 282 -27.04 -12.59 -3.74
CA PRO A 282 -26.11 -13.64 -4.06
C PRO A 282 -24.82 -13.07 -4.63
N ALA A 283 -23.80 -13.90 -4.68
CA ALA A 283 -22.53 -13.57 -5.27
C ALA A 283 -22.68 -13.09 -6.70
N VAL A 284 -21.85 -12.14 -7.09
CA VAL A 284 -21.95 -11.56 -8.41
C VAL A 284 -20.82 -12.05 -9.29
N THR A 285 -21.12 -12.34 -10.56
CA THR A 285 -20.09 -12.48 -11.57
C THR A 285 -20.23 -11.31 -12.55
N CYS A 286 -19.15 -10.61 -12.82
CA CYS A 286 -19.23 -9.42 -13.70
C CYS A 286 -19.46 -9.91 -15.16
N THR A 287 -20.12 -9.11 -16.00
CA THR A 287 -20.26 -9.41 -17.43
C THR A 287 -19.88 -8.17 -18.27
N PRO A 288 -19.72 -8.35 -19.59
CA PRO A 288 -19.32 -7.14 -20.31
C PRO A 288 -20.46 -6.11 -20.40
N ASN A 289 -20.08 -4.83 -20.43
CA ASN A 289 -21.05 -3.75 -20.37
C ASN A 289 -21.79 -3.70 -21.73
N PRO A 290 -23.07 -4.04 -21.77
CA PRO A 290 -23.84 -3.81 -22.99
C PRO A 290 -23.84 -2.35 -23.51
N GLN A 291 -23.63 -1.36 -22.65
CA GLN A 291 -23.64 0.05 -23.07
C GLN A 291 -22.38 0.51 -23.81
N ARG A 292 -21.29 -0.28 -23.80
N ARG A 292 -21.31 -0.30 -23.82
CA ARG A 292 -20.05 0.15 -24.44
CA ARG A 292 -20.07 0.13 -24.42
C ARG A 292 -20.03 -0.46 -25.82
C ARG A 292 -19.99 -0.44 -25.82
N ASN A 293 -20.42 0.37 -26.78
CA ASN A 293 -20.28 0.07 -28.17
C ASN A 293 -18.86 -0.28 -28.59
N ASP A 294 -18.73 -1.29 -29.44
CA ASP A 294 -17.41 -1.64 -30.02
C ASP A 294 -16.66 -0.55 -30.81
N SER A 295 -17.39 0.44 -31.32
CA SER A 295 -16.78 1.53 -32.04
C SER A 295 -16.00 2.52 -31.16
N VAL A 296 -16.19 2.43 -29.84
CA VAL A 296 -15.41 3.20 -28.86
C VAL A 296 -14.07 2.59 -28.56
N PRO A 297 -12.98 3.29 -28.87
CA PRO A 297 -11.73 2.67 -28.54
C PRO A 297 -11.59 2.38 -27.08
N THR A 298 -10.83 1.34 -26.79
CA THR A 298 -10.44 1.07 -25.45
C THR A 298 -9.22 1.86 -25.09
N LEU A 299 -8.89 1.82 -23.83
CA LEU A 299 -7.67 2.53 -23.37
C LEU A 299 -6.38 2.01 -24.00
N ALA A 300 -6.33 0.70 -24.12
CA ALA A 300 -5.18 0.07 -24.79
C ALA A 300 -5.10 0.56 -26.23
N GLN A 301 -6.24 0.65 -26.88
CA GLN A 301 -6.27 1.01 -28.31
C GLN A 301 -5.89 2.49 -28.49
N MET A 302 -6.40 3.32 -27.58
CA MET A 302 -5.99 4.71 -27.52
C MET A 302 -4.53 4.75 -27.29
N THR A 303 -4.06 3.96 -26.35
CA THR A 303 -2.64 3.99 -26.06
C THR A 303 -1.79 3.57 -27.24
N ASP A 304 -2.28 2.62 -28.03
CA ASP A 304 -1.56 2.10 -29.21
C ASP A 304 -1.27 3.17 -30.23
N LYS A 305 -2.33 3.88 -30.63
CA LYS A 305 -2.23 4.92 -31.65
C LYS A 305 -1.30 6.00 -31.12
N ALA A 306 -1.53 6.41 -29.87
CA ALA A 306 -0.68 7.42 -29.25
C ALA A 306 0.78 7.04 -29.31
N ILE A 307 1.13 5.86 -28.81
CA ILE A 307 2.53 5.47 -28.85
C ILE A 307 3.10 5.50 -30.25
N GLU A 308 2.29 5.06 -31.21
CA GLU A 308 2.76 4.86 -32.59
C GLU A 308 3.05 6.25 -33.22
N LEU A 309 2.12 7.18 -33.04
CA LEU A 309 2.27 8.52 -33.60
C LEU A 309 3.35 9.32 -32.93
N LEU A 310 3.42 9.24 -31.59
CA LEU A 310 4.39 9.99 -30.82
C LEU A 310 5.79 9.47 -30.99
N SER A 311 5.95 8.18 -31.27
CA SER A 311 7.31 7.61 -31.41
C SER A 311 8.02 8.01 -32.69
N LYS A 312 7.31 8.67 -33.60
CA LYS A 312 7.96 9.29 -34.78
C LYS A 312 8.99 10.31 -34.37
N ASN A 313 8.83 10.93 -33.22
CA ASN A 313 9.67 12.05 -32.94
C ASN A 313 11.06 11.53 -32.52
N GLU A 314 12.07 11.96 -33.24
CA GLU A 314 13.44 11.44 -33.04
C GLU A 314 13.99 11.83 -31.67
N LYS A 315 13.50 12.93 -31.13
CA LYS A 315 14.03 13.46 -29.90
C LYS A 315 13.35 12.81 -28.67
N GLY A 316 12.06 12.55 -28.71
CA GLY A 316 11.41 11.75 -27.67
C GLY A 316 9.97 12.17 -27.52
N PHE A 317 9.26 11.51 -26.61
CA PHE A 317 7.89 11.90 -26.24
C PHE A 317 7.59 11.71 -24.76
N PHE A 318 6.58 12.45 -24.31
CA PHE A 318 6.02 12.27 -23.00
C PHE A 318 4.59 11.99 -23.22
N LEU A 319 4.12 10.94 -22.54
CA LEU A 319 2.73 10.51 -22.62
C LEU A 319 2.15 10.14 -21.26
N GLN A 320 0.96 10.66 -21.00
CA GLN A 320 0.20 10.25 -19.84
C GLN A 320 -1.05 9.54 -20.27
N VAL A 321 -1.32 8.43 -19.59
CA VAL A 321 -2.48 7.60 -19.85
C VAL A 321 -3.26 7.38 -18.54
N GLU A 322 -4.56 7.65 -18.54
CA GLU A 322 -5.33 7.55 -17.31
C GLU A 322 -6.41 6.58 -17.50
N GLY A 323 -6.40 5.54 -16.70
CA GLY A 323 -7.61 4.73 -16.42
C GLY A 323 -8.42 5.40 -15.33
N ALA A 324 -9.31 6.23 -15.80
CA ALA A 324 -9.92 7.26 -15.02
C ALA A 324 -11.06 6.70 -14.22
N SER A 325 -11.72 5.67 -14.74
CA SER A 325 -12.97 5.25 -14.10
C SER A 325 -12.91 4.16 -12.97
N ILE A 326 -11.70 3.69 -12.67
CA ILE A 326 -11.44 2.96 -11.40
C ILE A 326 -12.03 3.82 -10.29
N ASP A 327 -11.60 5.06 -10.21
CA ASP A 327 -12.09 6.03 -9.20
C ASP A 327 -13.59 6.21 -9.23
N LYS A 328 -14.14 6.43 -10.41
CA LYS A 328 -15.55 6.81 -10.47
C LYS A 328 -16.46 5.67 -10.03
N GLN A 329 -16.07 4.44 -10.37
CA GLN A 329 -16.86 3.29 -9.98
C GLN A 329 -16.65 2.93 -8.48
N ASP A 330 -15.47 3.28 -7.95
CA ASP A 330 -15.18 3.18 -6.49
C ASP A 330 -16.14 4.16 -5.78
N HIS A 331 -16.23 5.39 -6.30
CA HIS A 331 -17.23 6.38 -5.82
C HIS A 331 -18.58 5.78 -5.84
N ALA A 332 -18.93 5.10 -6.94
CA ALA A 332 -20.32 4.55 -7.07
C ALA A 332 -20.52 3.16 -6.40
N ALA A 333 -19.54 2.72 -5.60
CA ALA A 333 -19.67 1.41 -4.89
C ALA A 333 -20.08 0.26 -5.82
N ASN A 334 -19.38 0.19 -6.93
CA ASN A 334 -19.73 -0.77 -8.00
C ASN A 334 -18.50 -1.60 -8.34
N PRO A 335 -18.39 -2.74 -7.69
CA PRO A 335 -17.13 -3.50 -7.84
C PRO A 335 -16.78 -3.98 -9.25
N CYS A 336 -17.81 -4.36 -10.01
CA CYS A 336 -17.54 -4.85 -11.38
C CYS A 336 -17.06 -3.68 -12.23
N GLY A 337 -17.66 -2.53 -12.05
CA GLY A 337 -17.14 -1.38 -12.73
C GLY A 337 -15.71 -1.08 -12.41
N GLN A 338 -15.43 -1.09 -11.10
CA GLN A 338 -14.15 -0.73 -10.59
C GLN A 338 -13.09 -1.68 -11.09
N ILE A 339 -13.40 -2.96 -10.92
CA ILE A 339 -12.46 -3.99 -11.31
C ILE A 339 -12.24 -3.98 -12.85
N GLY A 340 -13.35 -3.89 -13.61
CA GLY A 340 -13.26 -3.87 -15.06
C GLY A 340 -12.33 -2.75 -15.53
N GLU A 341 -12.44 -1.60 -14.87
CA GLU A 341 -11.58 -0.48 -15.26
C GLU A 341 -10.16 -0.67 -14.86
N THR A 342 -9.89 -1.55 -13.88
CA THR A 342 -8.50 -1.87 -13.51
C THR A 342 -7.88 -2.87 -14.50
N VAL A 343 -8.66 -3.87 -14.92
CA VAL A 343 -8.29 -4.75 -16.01
C VAL A 343 -8.02 -3.94 -17.33
N ASP A 344 -8.92 -3.05 -17.64
CA ASP A 344 -8.71 -2.14 -18.76
C ASP A 344 -7.34 -1.46 -18.69
N LEU A 345 -7.05 -0.82 -17.58
CA LEU A 345 -5.72 -0.26 -17.39
C LEU A 345 -4.55 -1.24 -17.46
N ASP A 346 -4.69 -2.44 -16.90
CA ASP A 346 -3.61 -3.35 -17.02
C ASP A 346 -3.29 -3.56 -18.51
N GLU A 347 -4.30 -3.64 -19.37
CA GLU A 347 -3.94 -3.79 -20.82
C GLU A 347 -3.12 -2.68 -21.36
N ALA A 348 -3.55 -1.44 -21.10
CA ALA A 348 -2.77 -0.30 -21.55
C ALA A 348 -1.41 -0.33 -20.96
N VAL A 349 -1.27 -0.84 -19.75
CA VAL A 349 0.05 -0.90 -19.21
C VAL A 349 0.94 -1.86 -19.97
N GLN A 350 0.37 -3.01 -20.36
CA GLN A 350 1.10 -3.98 -21.18
C GLN A 350 1.61 -3.34 -22.46
N ARG A 351 0.75 -2.62 -23.19
N ARG A 351 0.73 -2.60 -23.17
CA ARG A 351 1.22 -1.93 -24.38
CA ARG A 351 1.11 -1.89 -24.39
C ARG A 351 2.46 -1.15 -24.04
C ARG A 351 2.34 -1.01 -24.15
N ALA A 352 2.35 -0.29 -23.03
CA ALA A 352 3.44 0.58 -22.71
C ALA A 352 4.73 -0.15 -22.40
N LEU A 353 4.66 -1.21 -21.60
CA LEU A 353 5.86 -1.99 -21.26
C LEU A 353 6.50 -2.70 -22.45
N GLU A 354 5.66 -3.29 -23.30
CA GLU A 354 6.11 -3.95 -24.53
C GLU A 354 6.90 -2.94 -25.38
N PHE A 355 6.31 -1.75 -25.56
CA PHE A 355 7.00 -0.69 -26.28
C PHE A 355 8.34 -0.34 -25.57
N ALA A 356 8.33 -0.20 -24.25
CA ALA A 356 9.58 0.22 -23.55
C ALA A 356 10.71 -0.81 -23.56
N LYS A 357 10.34 -2.08 -23.49
CA LYS A 357 11.33 -3.16 -23.54
C LYS A 357 12.03 -3.24 -24.91
N LYS A 358 11.28 -2.98 -25.96
CA LYS A 358 11.80 -3.07 -27.30
C LYS A 358 12.63 -1.83 -27.60
N GLU A 359 12.10 -0.65 -27.33
CA GLU A 359 12.81 0.61 -27.58
C GLU A 359 13.98 0.81 -26.63
N GLY A 360 13.79 0.39 -25.38
CA GLY A 360 14.88 0.38 -24.39
C GLY A 360 15.39 1.71 -23.80
N ASN A 361 14.72 2.85 -24.04
CA ASN A 361 15.15 4.15 -23.45
C ASN A 361 13.97 4.87 -22.90
N THR A 362 13.00 4.10 -22.46
CA THR A 362 11.74 4.64 -22.11
C THR A 362 11.46 4.29 -20.64
N LEU A 363 11.04 5.28 -19.88
CA LEU A 363 10.67 5.07 -18.51
C LEU A 363 9.13 4.99 -18.45
N VAL A 364 8.68 3.92 -17.86
CA VAL A 364 7.26 3.70 -17.63
C VAL A 364 6.98 3.64 -16.12
N ILE A 365 5.87 4.26 -15.76
CA ILE A 365 5.49 4.48 -14.38
C ILE A 365 4.04 4.22 -14.23
N VAL A 366 3.69 3.45 -13.22
CA VAL A 366 2.30 3.18 -12.94
C VAL A 366 1.99 3.50 -11.48
N THR A 367 0.97 4.33 -11.28
CA THR A 367 0.53 4.70 -9.93
C THR A 367 -0.88 5.24 -9.96
N ALA A 368 -1.29 5.84 -8.85
CA ALA A 368 -2.63 6.40 -8.70
C ALA A 368 -2.48 7.83 -8.14
N ASP A 369 -3.53 8.61 -8.24
CA ASP A 369 -3.52 9.97 -7.68
C ASP A 369 -3.72 10.01 -6.16
N HIS A 370 -4.48 9.03 -5.64
CA HIS A 370 -4.72 8.88 -4.20
C HIS A 370 -5.45 7.55 -3.99
N ALA A 371 -5.69 7.19 -2.72
CA ALA A 371 -6.38 5.95 -2.38
C ALA A 371 -7.86 6.16 -2.29
N HIS A 372 -8.62 5.09 -2.05
CA HIS A 372 -10.06 5.16 -2.16
C HIS A 372 -10.71 4.33 -1.10
N ALA A 373 -12.01 4.09 -1.26
CA ALA A 373 -12.86 3.49 -0.26
C ALA A 373 -12.82 1.97 -0.18
N SER A 374 -12.73 1.27 -1.32
CA SER A 374 -12.96 -0.18 -1.37
C SER A 374 -12.03 -0.98 -0.50
N GLN A 375 -12.63 -1.88 0.25
CA GLN A 375 -11.86 -2.79 1.11
C GLN A 375 -12.30 -4.22 0.86
N ILE A 376 -11.30 -5.11 0.84
CA ILE A 376 -11.51 -6.51 0.74
C ILE A 376 -11.69 -7.01 2.16
N VAL A 377 -12.87 -7.54 2.47
CA VAL A 377 -13.16 -8.09 3.81
C VAL A 377 -13.72 -9.51 3.77
N ALA A 378 -13.83 -10.15 4.93
CA ALA A 378 -14.20 -11.56 5.03
C ALA A 378 -15.60 -11.82 4.51
N PRO A 379 -15.85 -13.02 3.96
CA PRO A 379 -17.19 -13.33 3.40
C PRO A 379 -18.40 -13.16 4.28
N ASP A 380 -18.27 -13.45 5.56
CA ASP A 380 -19.38 -13.24 6.49
C ASP A 380 -19.36 -11.83 7.16
N THR A 381 -18.54 -10.92 6.69
CA THR A 381 -18.54 -9.58 7.28
C THR A 381 -19.96 -9.06 7.46
N LYS A 382 -20.24 -8.40 8.60
CA LYS A 382 -21.45 -7.60 8.73
C LYS A 382 -21.01 -6.20 8.92
N ALA A 383 -21.06 -5.41 7.84
CA ALA A 383 -20.55 -4.05 7.86
C ALA A 383 -21.65 -3.03 7.85
N PRO A 384 -21.34 -1.79 8.27
CA PRO A 384 -22.39 -0.75 8.27
C PRO A 384 -22.59 -0.09 6.86
N GLY A 385 -21.65 -0.26 5.92
CA GLY A 385 -21.74 0.39 4.63
C GLY A 385 -22.27 -0.57 3.57
N LEU A 386 -21.68 -0.47 2.40
CA LEU A 386 -22.21 -1.17 1.23
C LEU A 386 -21.28 -2.30 0.95
N THR A 387 -21.82 -3.50 0.77
CA THR A 387 -20.97 -4.66 0.47
C THR A 387 -21.48 -5.49 -0.72
N GLN A 388 -20.65 -6.40 -1.19
CA GLN A 388 -21.06 -7.27 -2.26
C GLN A 388 -20.15 -8.48 -2.26
N ALA A 389 -20.72 -9.66 -2.50
CA ALA A 389 -19.92 -10.89 -2.67
C ALA A 389 -19.75 -11.12 -4.17
N LEU A 390 -18.53 -11.48 -4.55
CA LEU A 390 -18.19 -11.76 -5.93
C LEU A 390 -17.54 -13.12 -6.06
N ASN A 391 -17.81 -13.82 -7.18
CA ASN A 391 -17.12 -15.07 -7.50
C ASN A 391 -15.90 -14.77 -8.28
N THR A 392 -14.75 -15.17 -7.75
CA THR A 392 -13.53 -14.82 -8.40
C THR A 392 -13.08 -15.92 -9.37
N LYS A 393 -11.99 -15.66 -10.08
CA LYS A 393 -11.37 -16.64 -10.94
C LYS A 393 -10.96 -17.88 -10.17
N ASP A 394 -10.63 -17.77 -8.88
CA ASP A 394 -10.28 -18.94 -8.09
C ASP A 394 -11.54 -19.80 -7.72
N GLY A 395 -12.74 -19.39 -8.14
CA GLY A 395 -13.94 -20.09 -7.69
C GLY A 395 -14.15 -19.97 -6.18
N ALA A 396 -13.81 -18.82 -5.62
CA ALA A 396 -14.10 -18.53 -4.22
C ALA A 396 -14.73 -17.18 -4.16
N VAL A 397 -15.39 -16.91 -3.05
CA VAL A 397 -16.04 -15.65 -2.80
C VAL A 397 -15.04 -14.60 -2.25
N MET A 398 -15.10 -13.39 -2.81
CA MET A 398 -14.43 -12.23 -2.23
C MET A 398 -15.51 -11.26 -1.89
N VAL A 399 -15.47 -10.69 -0.68
CA VAL A 399 -16.38 -9.59 -0.38
C VAL A 399 -15.68 -8.24 -0.39
N MET A 400 -16.39 -7.25 -0.91
CA MET A 400 -15.89 -5.91 -0.99
C MET A 400 -16.84 -5.01 -0.22
N SER A 401 -16.21 -4.05 0.46
CA SER A 401 -16.86 -3.14 1.37
C SER A 401 -16.53 -1.69 1.00
N TYR A 402 -17.57 -0.88 1.08
CA TYR A 402 -17.47 0.58 0.89
C TYR A 402 -18.09 1.22 2.13
N GLY A 403 -17.26 1.69 3.06
CA GLY A 403 -17.76 2.01 4.43
C GLY A 403 -17.51 3.40 5.03
N ASN A 404 -17.33 4.41 4.19
CA ASN A 404 -16.92 5.72 4.64
C ASN A 404 -17.83 6.85 4.16
N SER A 405 -19.05 6.56 3.72
CA SER A 405 -19.95 7.60 3.34
C SER A 405 -21.38 7.12 3.42
N GLU A 406 -22.20 7.86 4.17
CA GLU A 406 -23.65 7.61 4.19
C GLU A 406 -24.38 8.38 3.09
N GLU A 407 -23.65 9.04 2.19
CA GLU A 407 -24.21 9.84 1.09
C GLU A 407 -24.16 8.98 -0.14
N ASP A 408 -24.53 9.55 -1.27
CA ASP A 408 -24.50 8.76 -2.49
C ASP A 408 -23.09 8.55 -3.02
N SER A 409 -22.02 9.07 -2.43
CA SER A 409 -20.70 8.85 -3.04
C SER A 409 -19.65 8.46 -2.02
N GLN A 410 -19.00 7.33 -2.27
CA GLN A 410 -17.98 6.79 -1.40
C GLN A 410 -16.73 7.66 -1.60
N GLU A 411 -15.87 7.78 -0.59
CA GLU A 411 -14.88 8.88 -0.57
C GLU A 411 -13.46 8.38 -0.68
N HIS A 412 -12.60 9.24 -1.18
CA HIS A 412 -11.18 9.02 -1.19
C HIS A 412 -10.64 8.72 0.21
N THR A 413 -9.44 8.15 0.27
CA THR A 413 -8.70 7.95 1.49
C THR A 413 -7.28 8.34 1.28
N GLY A 414 -6.60 8.57 2.40
CA GLY A 414 -5.31 9.20 2.37
C GLY A 414 -4.06 8.37 2.47
N SER A 415 -4.23 7.06 2.58
CA SER A 415 -3.10 6.16 2.67
C SER A 415 -2.15 6.40 1.56
N GLN A 416 -0.86 6.33 1.84
CA GLN A 416 0.12 6.26 0.81
C GLN A 416 -0.20 5.02 0.00
N LEU A 417 0.32 4.99 -1.24
CA LEU A 417 0.01 3.86 -2.15
C LEU A 417 1.16 3.57 -3.09
N ARG A 418 1.07 2.43 -3.75
CA ARG A 418 2.10 1.94 -4.64
C ARG A 418 2.40 2.88 -5.81
N ILE A 419 3.68 3.06 -6.08
CA ILE A 419 4.15 3.57 -7.33
C ILE A 419 5.20 2.60 -7.81
N ALA A 420 5.20 2.34 -9.12
CA ALA A 420 6.09 1.36 -9.71
C ALA A 420 6.62 1.85 -11.01
N ALA A 421 7.81 1.37 -11.36
CA ALA A 421 8.42 1.85 -12.55
C ALA A 421 9.38 0.88 -13.23
N TYR A 422 9.65 1.20 -14.48
CA TYR A 422 10.51 0.39 -15.38
C TYR A 422 11.29 1.34 -16.27
N GLY A 423 12.60 1.15 -16.34
CA GLY A 423 13.45 1.87 -17.33
C GLY A 423 14.37 2.90 -16.70
N PRO A 424 14.96 3.77 -17.51
CA PRO A 424 15.94 4.74 -17.05
C PRO A 424 15.37 5.60 -15.97
N HIS A 425 16.14 5.77 -14.88
CA HIS A 425 15.75 6.62 -13.72
C HIS A 425 14.67 6.05 -12.76
N ALA A 426 14.27 4.79 -12.95
CA ALA A 426 13.13 4.26 -12.17
C ALA A 426 13.48 4.05 -10.70
N ALA A 427 14.76 4.05 -10.36
CA ALA A 427 15.23 4.05 -8.97
C ALA A 427 14.52 5.12 -8.10
N ASN A 428 14.20 6.23 -8.72
CA ASN A 428 13.68 7.38 -8.01
C ASN A 428 12.26 7.20 -7.50
N VAL A 429 11.60 6.07 -7.84
CA VAL A 429 10.32 5.74 -7.20
C VAL A 429 10.43 4.78 -6.03
N VAL A 430 11.64 4.32 -5.73
CA VAL A 430 11.81 3.31 -4.68
C VAL A 430 11.93 3.97 -3.31
N GLY A 431 11.46 3.27 -2.26
CA GLY A 431 11.33 3.83 -0.92
C GLY A 431 10.10 4.71 -0.78
N LEU A 432 10.13 5.57 0.26
CA LEU A 432 9.08 6.57 0.50
C LEU A 432 9.40 7.83 -0.36
N THR A 433 8.47 8.26 -1.20
CA THR A 433 8.63 9.52 -1.94
C THR A 433 7.32 10.25 -1.83
N ASP A 434 7.30 11.50 -2.32
CA ASP A 434 6.06 12.28 -2.38
C ASP A 434 5.62 12.34 -3.82
N GLN A 435 4.34 12.57 -4.07
CA GLN A 435 3.83 12.72 -5.41
C GLN A 435 4.58 13.84 -6.15
N THR A 436 5.00 14.90 -5.44
CA THR A 436 5.78 15.95 -6.11
C THR A 436 7.12 15.51 -6.59
N ASP A 437 7.74 14.51 -5.94
CA ASP A 437 9.00 13.96 -6.48
C ASP A 437 8.85 13.41 -7.88
N LEU A 438 7.69 12.86 -8.15
CA LEU A 438 7.45 12.27 -9.44
C LEU A 438 7.68 13.35 -10.58
N PHE A 439 7.16 14.57 -10.40
CA PHE A 439 7.46 15.63 -11.34
C PHE A 439 8.96 15.75 -11.62
N TYR A 440 9.76 15.84 -10.57
CA TYR A 440 11.15 16.06 -10.72
C TYR A 440 11.86 14.86 -11.26
N THR A 441 11.32 13.70 -10.98
CA THR A 441 11.87 12.50 -11.51
C THR A 441 11.72 12.52 -13.03
N MET A 442 10.52 12.80 -13.46
CA MET A 442 10.22 12.86 -14.88
C MET A 442 11.06 13.90 -15.58
N LYS A 443 11.14 15.08 -14.98
CA LYS A 443 11.94 16.18 -15.50
C LYS A 443 13.43 15.81 -15.65
N ALA A 444 14.08 15.33 -14.62
CA ALA A 444 15.49 14.96 -14.72
C ALA A 444 15.70 13.79 -15.71
N ALA A 445 14.74 12.87 -15.76
CA ALA A 445 14.87 11.71 -16.64
C ALA A 445 14.98 12.16 -18.12
N LEU A 446 14.06 13.03 -18.53
CA LEU A 446 14.06 13.70 -19.82
C LEU A 446 15.06 14.87 -19.98
N GLY A 447 16.03 15.05 -19.10
CA GLY A 447 16.92 16.21 -19.13
C GLY A 447 16.26 17.59 -19.38
N LEU A 448 15.03 17.82 -18.90
CA LEU A 448 14.29 19.05 -19.20
C LEU A 448 14.65 20.18 -18.24
N LYS A 449 14.18 21.41 -18.52
CA LYS A 449 14.56 22.69 -17.83
C LYS A 449 13.37 23.60 -17.56
N ASN B 9 17.45 9.94 4.92
CA ASN B 9 16.29 10.81 5.28
C ASN B 9 15.32 11.08 4.14
N ARG B 10 14.01 10.93 4.41
CA ARG B 10 12.95 11.17 3.41
C ARG B 10 11.81 12.11 3.90
N ALA B 11 12.15 13.09 4.72
CA ALA B 11 11.19 14.12 5.13
C ALA B 11 11.01 15.12 3.99
N ALA B 12 9.94 15.91 4.02
CA ALA B 12 9.83 16.95 2.99
C ALA B 12 11.07 17.88 3.08
N GLN B 13 11.58 18.35 1.95
CA GLN B 13 12.76 19.25 1.89
C GLN B 13 12.58 20.60 2.58
N GLY B 14 11.45 21.23 2.36
CA GLY B 14 11.29 22.55 2.91
C GLY B 14 9.88 23.03 3.13
N ASP B 15 9.55 24.08 2.42
CA ASP B 15 8.28 24.76 2.53
C ASP B 15 7.33 24.03 1.62
N ILE B 16 6.46 23.21 2.20
CA ILE B 16 5.55 22.39 1.38
C ILE B 16 4.58 23.21 0.50
N THR B 17 4.42 24.53 0.74
CA THR B 17 3.54 25.37 -0.09
C THR B 17 4.22 25.88 -1.36
N ALA B 18 5.53 25.77 -1.41
CA ALA B 18 6.35 26.28 -2.51
C ALA B 18 6.76 25.18 -3.48
N PRO B 19 7.21 25.57 -4.67
CA PRO B 19 7.62 24.52 -5.62
C PRO B 19 8.74 23.67 -5.08
N GLY B 20 8.61 22.35 -5.13
CA GLY B 20 9.73 21.49 -4.71
C GLY B 20 9.94 21.28 -3.21
N GLY B 21 9.13 21.99 -2.40
CA GLY B 21 9.28 21.97 -0.94
C GLY B 21 8.72 20.76 -0.23
N ALA B 22 7.86 20.01 -0.94
CA ALA B 22 7.36 18.76 -0.40
C ALA B 22 8.12 17.52 -0.85
N ARG B 23 9.17 17.73 -1.65
CA ARG B 23 9.98 16.63 -2.15
C ARG B 23 10.56 15.89 -0.99
N ARG B 24 10.61 14.57 -1.12
CA ARG B 24 11.32 13.77 -0.14
C ARG B 24 12.74 13.42 -0.57
N LEU B 25 13.02 13.51 -1.89
CA LEU B 25 14.35 13.23 -2.46
C LEU B 25 15.16 14.50 -2.73
N THR B 26 16.45 14.34 -2.57
CA THR B 26 17.35 15.46 -2.79
C THR B 26 18.10 15.32 -4.10
N GLY B 27 18.23 14.11 -4.62
CA GLY B 27 18.96 13.87 -5.88
C GLY B 27 18.56 12.54 -6.48
N ASP B 28 19.18 12.19 -7.61
CA ASP B 28 18.98 10.89 -8.27
C ASP B 28 19.27 9.76 -7.30
N GLN B 29 18.46 8.70 -7.30
CA GLN B 29 18.71 7.58 -6.39
C GLN B 29 19.47 6.40 -6.98
N THR B 30 19.77 6.41 -8.26
CA THR B 30 20.29 5.19 -8.87
C THR B 30 21.58 4.66 -8.22
N ALA B 31 22.64 5.47 -8.17
CA ALA B 31 23.87 5.12 -7.41
C ALA B 31 23.62 4.63 -5.95
N ALA B 32 22.90 5.41 -5.17
CA ALA B 32 22.63 5.04 -3.78
C ALA B 32 22.01 3.65 -3.75
N LEU B 33 21.00 3.47 -4.58
CA LEU B 33 20.29 2.21 -4.58
C LEU B 33 21.18 1.02 -5.04
N ARG B 34 21.97 1.20 -6.10
CA ARG B 34 22.91 0.15 -6.50
C ARG B 34 23.69 -0.24 -5.25
N ASP B 35 24.13 0.78 -4.52
CA ASP B 35 24.95 0.53 -3.35
C ASP B 35 24.18 -0.09 -2.23
N SER B 36 22.84 -0.08 -2.29
CA SER B 36 22.05 -0.77 -1.27
C SER B 36 21.95 -2.27 -1.53
N LEU B 37 22.56 -2.72 -2.64
CA LEU B 37 22.43 -4.09 -3.11
C LEU B 37 23.68 -4.89 -2.88
N SER B 38 23.54 -5.94 -2.10
CA SER B 38 24.61 -6.86 -1.76
C SER B 38 23.91 -8.22 -1.64
N ASP B 39 24.46 -9.26 -2.26
CA ASP B 39 23.86 -10.59 -2.05
C ASP B 39 24.79 -11.53 -1.31
N LYS B 40 25.77 -10.93 -0.60
CA LYS B 40 26.61 -11.66 0.32
C LYS B 40 25.68 -12.19 1.41
N PRO B 41 26.14 -13.16 2.19
CA PRO B 41 25.21 -13.72 3.11
C PRO B 41 24.88 -12.73 4.21
N ALA B 42 23.67 -12.88 4.77
CA ALA B 42 23.37 -12.25 6.04
C ALA B 42 23.90 -13.11 7.19
N LYS B 43 24.61 -12.47 8.11
CA LYS B 43 24.96 -13.10 9.35
C LYS B 43 23.76 -13.08 10.25
N ASN B 44 23.05 -11.95 10.35
CA ASN B 44 21.86 -11.87 11.21
C ASN B 44 20.62 -11.36 10.47
N ILE B 45 19.45 -11.62 11.05
CA ILE B 45 18.24 -11.09 10.53
C ILE B 45 17.38 -10.58 11.69
N ILE B 46 16.77 -9.41 11.48
CA ILE B 46 15.79 -8.88 12.39
C ILE B 46 14.57 -8.63 11.59
N LEU B 47 13.52 -9.31 11.99
CA LEU B 47 12.25 -9.16 11.32
C LEU B 47 11.33 -8.45 12.26
N LEU B 48 10.87 -7.27 11.86
CA LEU B 48 9.94 -6.53 12.66
C LEU B 48 8.57 -6.54 12.03
N ILE B 49 7.58 -6.98 12.78
CA ILE B 49 6.23 -7.09 12.33
C ILE B 49 5.35 -6.12 13.06
N GLY B 50 4.65 -5.25 12.33
CA GLY B 50 3.62 -4.44 12.94
C GLY B 50 2.33 -5.19 12.64
N ASP B 51 1.67 -5.71 13.66
CA ASP B 51 0.47 -6.48 13.39
C ASP B 51 -0.61 -5.56 12.86
N GLY B 52 -1.20 -5.88 11.71
CA GLY B 52 -2.26 -5.02 11.15
C GLY B 52 -1.73 -3.69 10.56
N MET B 53 -0.42 -3.52 10.45
CA MET B 53 0.17 -2.28 10.00
C MET B 53 0.26 -2.17 8.48
N GLY B 54 -0.89 -1.94 7.88
CA GLY B 54 -0.92 -1.67 6.45
C GLY B 54 -0.48 -0.25 6.15
N ASP B 55 -0.33 0.06 4.88
CA ASP B 55 0.08 1.40 4.46
C ASP B 55 -0.81 2.48 5.09
N SER B 56 -2.09 2.23 5.19
CA SER B 56 -2.97 3.17 5.81
C SER B 56 -2.57 3.52 7.24
N GLU B 57 -2.29 2.48 8.03
CA GLU B 57 -1.90 2.62 9.42
C GLU B 57 -0.55 3.37 9.53
N ILE B 58 0.39 3.09 8.63
CA ILE B 58 1.65 3.78 8.63
C ILE B 58 1.36 5.23 8.34
N THR B 59 0.55 5.48 7.31
CA THR B 59 0.31 6.86 6.86
C THR B 59 -0.37 7.67 7.97
N ALA B 60 -1.38 7.11 8.62
CA ALA B 60 -2.10 7.82 9.70
C ALA B 60 -1.15 8.12 10.88
N ALA B 61 -0.27 7.18 11.25
CA ALA B 61 0.67 7.40 12.28
C ALA B 61 1.67 8.44 11.91
N ARG B 62 2.19 8.37 10.70
CA ARG B 62 3.12 9.34 10.27
C ARG B 62 2.47 10.72 10.35
N ASN B 63 1.29 10.86 9.77
CA ASN B 63 0.60 12.14 9.74
C ASN B 63 0.43 12.74 11.15
N TYR B 64 0.03 11.90 12.11
CA TYR B 64 -0.32 12.41 13.45
C TYR B 64 0.97 12.80 14.16
N ALA B 65 1.98 11.93 14.16
CA ALA B 65 3.08 12.13 15.07
C ALA B 65 4.15 12.95 14.45
N GLU B 66 4.40 12.80 13.13
CA GLU B 66 5.54 13.46 12.49
C GLU B 66 5.10 14.53 11.49
N GLY B 67 3.80 14.69 11.25
CA GLY B 67 3.29 15.55 10.15
C GLY B 67 3.38 14.85 8.81
N ALA B 68 2.56 15.29 7.88
CA ALA B 68 2.36 14.58 6.62
C ALA B 68 3.64 14.48 5.85
N GLY B 69 4.41 15.56 5.96
CA GLY B 69 5.70 15.66 5.30
C GLY B 69 6.83 15.21 6.17
N GLY B 70 6.49 14.68 7.33
CA GLY B 70 7.48 14.04 8.19
C GLY B 70 7.96 12.67 7.70
N PHE B 71 8.70 12.00 8.58
CA PHE B 71 9.48 10.79 8.23
C PHE B 71 9.68 9.99 9.49
N PHE B 72 9.24 8.72 9.48
CA PHE B 72 9.61 7.78 10.54
C PHE B 72 11.06 7.32 10.33
N LYS B 73 11.90 7.67 11.32
CA LYS B 73 13.31 7.46 11.28
C LYS B 73 13.68 5.99 11.26
N GLY B 74 12.76 5.18 11.76
CA GLY B 74 12.90 3.73 11.57
C GLY B 74 12.06 3.18 10.45
N ILE B 75 10.74 3.19 10.67
CA ILE B 75 9.82 2.64 9.68
C ILE B 75 10.09 3.08 8.24
N ASP B 76 10.31 4.36 8.05
CA ASP B 76 10.33 4.89 6.71
C ASP B 76 11.71 4.87 6.14
N ALA B 77 12.69 4.43 6.91
CA ALA B 77 14.09 4.53 6.47
C ALA B 77 14.64 3.28 5.76
N LEU B 78 13.84 2.23 5.56
CA LEU B 78 14.39 1.04 4.87
C LEU B 78 14.34 1.29 3.39
N PRO B 79 15.48 1.21 2.72
CA PRO B 79 15.47 1.73 1.35
C PRO B 79 14.86 0.83 0.24
N LEU B 80 14.80 -0.49 0.44
CA LEU B 80 14.25 -1.40 -0.54
C LEU B 80 12.86 -1.83 -0.15
N THR B 81 11.92 -1.52 -1.02
CA THR B 81 10.52 -1.62 -0.70
C THR B 81 9.70 -2.36 -1.76
N GLY B 82 8.62 -3.03 -1.34
CA GLY B 82 7.67 -3.58 -2.30
C GLY B 82 6.32 -3.74 -1.70
N GLN B 83 5.50 -4.56 -2.35
CA GLN B 83 4.20 -4.94 -1.84
C GLN B 83 4.08 -6.45 -1.80
N TYR B 84 3.47 -7.01 -0.77
CA TYR B 84 3.32 -8.44 -0.76
C TYR B 84 1.90 -8.85 -0.38
N THR B 85 1.52 -10.08 -0.77
CA THR B 85 0.12 -10.59 -0.61
C THR B 85 0.11 -11.64 0.50
N HIS B 86 -0.94 -11.65 1.30
CA HIS B 86 -0.95 -12.42 2.51
C HIS B 86 -2.25 -13.19 2.62
N TYR B 87 -2.93 -13.40 1.51
CA TYR B 87 -4.15 -14.26 1.51
C TYR B 87 -3.88 -15.63 2.18
N ALA B 88 -4.86 -16.15 2.86
CA ALA B 88 -4.83 -17.45 3.50
C ALA B 88 -5.48 -18.49 2.59
N LEU B 89 -5.69 -19.69 3.11
CA LEU B 89 -6.43 -20.74 2.37
C LEU B 89 -7.70 -21.10 3.09
N ASN B 90 -8.75 -21.42 2.35
CA ASN B 90 -9.93 -22.09 2.92
C ASN B 90 -9.54 -23.52 3.23
N LYS B 91 -9.79 -23.93 4.48
CA LYS B 91 -9.29 -25.23 4.97
C LYS B 91 -9.93 -26.41 4.23
N LYS B 92 -11.23 -26.37 4.02
CA LYS B 92 -11.92 -27.39 3.19
C LYS B 92 -11.57 -27.41 1.67
N THR B 93 -11.60 -26.24 1.04
CA THR B 93 -11.49 -26.15 -0.40
C THR B 93 -10.05 -26.04 -0.88
N GLY B 94 -9.12 -25.52 -0.07
CA GLY B 94 -7.78 -25.29 -0.60
C GLY B 94 -7.73 -24.01 -1.41
N LYS B 95 -8.84 -23.36 -1.62
CA LYS B 95 -8.80 -22.11 -2.40
C LYS B 95 -8.39 -20.91 -1.55
N PRO B 96 -8.14 -19.77 -2.19
CA PRO B 96 -7.73 -18.69 -1.38
C PRO B 96 -8.83 -18.21 -0.53
N ASP B 97 -8.42 -17.73 0.64
CA ASP B 97 -9.32 -16.98 1.55
C ASP B 97 -8.65 -15.62 1.64
N TYR B 98 -9.32 -14.61 1.07
CA TYR B 98 -8.69 -13.35 0.71
C TYR B 98 -8.28 -12.51 1.93
N VAL B 99 -8.90 -12.76 3.09
CA VAL B 99 -8.55 -12.05 4.36
C VAL B 99 -8.05 -12.99 5.44
N THR B 100 -6.75 -12.96 5.63
CA THR B 100 -6.09 -13.80 6.60
C THR B 100 -6.30 -13.36 8.05
N ASP B 101 -5.96 -14.25 9.01
CA ASP B 101 -5.84 -13.88 10.41
C ASP B 101 -4.33 -13.90 10.68
N SER B 102 -3.93 -13.62 11.94
CA SER B 102 -2.53 -13.50 12.31
C SER B 102 -1.82 -14.84 12.29
N ALA B 103 -2.55 -15.91 12.56
CA ALA B 103 -1.97 -17.25 12.62
C ALA B 103 -1.58 -17.72 11.23
N ALA B 104 -2.51 -17.62 10.28
CA ALA B 104 -2.18 -18.11 8.88
C ALA B 104 -1.03 -17.36 8.24
N SER B 105 -1.03 -16.05 8.43
CA SER B 105 0.04 -15.17 7.92
C SER B 105 1.36 -15.43 8.63
N ALA B 106 1.37 -15.41 9.93
CA ALA B 106 2.61 -15.71 10.63
C ALA B 106 3.12 -17.09 10.21
N THR B 107 2.20 -18.04 9.95
CA THR B 107 2.66 -19.38 9.52
C THR B 107 3.38 -19.32 8.15
N ALA B 108 2.83 -18.50 7.27
CA ALA B 108 3.38 -18.32 5.93
C ALA B 108 4.83 -17.82 5.93
N TRP B 109 5.11 -16.75 6.68
CA TRP B 109 6.47 -16.25 6.61
C TRP B 109 7.40 -17.14 7.41
N SER B 110 6.90 -17.87 8.41
CA SER B 110 7.77 -18.66 9.27
C SER B 110 8.02 -20.06 8.72
N THR B 111 7.11 -20.56 7.90
CA THR B 111 7.27 -21.91 7.30
C THR B 111 7.34 -21.97 5.77
N GLY B 112 6.85 -20.96 5.12
CA GLY B 112 6.89 -20.95 3.67
C GLY B 112 5.71 -21.67 3.05
N VAL B 113 4.71 -22.03 3.88
CA VAL B 113 3.51 -22.63 3.37
C VAL B 113 2.27 -21.88 3.81
N LYS B 114 1.39 -21.68 2.84
CA LYS B 114 0.06 -21.13 3.13
C LYS B 114 -0.67 -22.05 4.05
N THR B 115 -1.64 -21.52 4.79
CA THR B 115 -2.48 -22.34 5.60
C THR B 115 -3.79 -21.65 5.89
N TYR B 116 -4.63 -22.23 6.74
CA TYR B 116 -5.97 -21.71 6.99
C TYR B 116 -5.97 -20.84 8.23
N ASN B 117 -7.00 -20.01 8.35
CA ASN B 117 -7.09 -19.05 9.41
C ASN B 117 -7.21 -19.78 10.74
N GLY B 118 -6.31 -19.45 11.68
CA GLY B 118 -6.29 -20.06 13.02
C GLY B 118 -5.15 -21.06 13.18
N ALA B 119 -4.47 -21.40 12.10
CA ALA B 119 -3.54 -22.47 12.17
C ALA B 119 -2.14 -21.92 12.43
N LEU B 120 -1.37 -22.63 13.28
CA LEU B 120 0.02 -22.28 13.59
C LEU B 120 0.99 -23.38 13.27
N GLY B 121 1.86 -23.11 12.30
CA GLY B 121 2.94 -24.01 12.06
C GLY B 121 2.45 -25.31 11.43
N VAL B 122 1.24 -25.29 10.92
CA VAL B 122 0.69 -26.46 10.22
C VAL B 122 0.01 -26.04 8.88
N ASP B 123 0.02 -26.94 7.90
CA ASP B 123 -0.60 -26.68 6.61
C ASP B 123 -2.07 -27.00 6.67
N ILE B 124 -2.80 -26.89 5.54
CA ILE B 124 -4.26 -27.21 5.60
C ILE B 124 -4.58 -28.66 5.95
N HIS B 125 -3.60 -29.54 5.76
CA HIS B 125 -3.79 -30.95 6.08
C HIS B 125 -3.47 -31.15 7.53
N GLU B 126 -3.12 -30.08 8.25
CA GLU B 126 -2.79 -30.16 9.69
C GLU B 126 -1.44 -30.79 9.91
N LYS B 127 -0.63 -30.85 8.88
CA LYS B 127 0.70 -31.42 8.99
C LYS B 127 1.75 -30.33 9.39
N ASP B 128 2.62 -30.62 10.34
CA ASP B 128 3.60 -29.68 10.87
C ASP B 128 4.61 -29.37 9.80
N HIS B 129 5.17 -28.14 9.83
CA HIS B 129 6.33 -27.78 9.03
C HIS B 129 7.28 -26.94 9.89
N PRO B 130 8.57 -27.16 9.75
CA PRO B 130 9.52 -26.46 10.65
C PRO B 130 9.66 -24.96 10.37
N THR B 131 9.92 -24.18 11.41
CA THR B 131 9.89 -22.71 11.30
C THR B 131 11.25 -22.21 11.10
N ILE B 132 11.31 -20.97 10.64
CA ILE B 132 12.58 -20.31 10.41
C ILE B 132 13.38 -20.24 11.74
N LEU B 133 12.69 -20.07 12.87
CA LEU B 133 13.44 -19.97 14.10
C LEU B 133 14.00 -21.35 14.47
N GLU B 134 13.21 -22.40 14.24
CA GLU B 134 13.71 -23.75 14.53
C GLU B 134 14.92 -24.04 13.63
N MET B 135 14.90 -23.63 12.37
N MET B 135 14.85 -23.68 12.36
CA MET B 135 16.00 -23.95 11.45
CA MET B 135 15.97 -23.94 11.47
C MET B 135 17.24 -23.07 11.67
C MET B 135 17.17 -23.19 12.00
N ALA B 136 17.03 -21.89 12.22
CA ALA B 136 18.12 -21.07 12.80
C ALA B 136 18.83 -21.77 13.94
N LYS B 137 18.04 -22.25 14.87
CA LYS B 137 18.58 -22.81 16.07
C LYS B 137 19.35 -24.09 15.74
N ALA B 138 18.79 -24.90 14.85
CA ALA B 138 19.42 -26.12 14.44
C ALA B 138 20.75 -25.84 13.80
N ALA B 139 20.89 -24.70 13.13
CA ALA B 139 22.17 -24.39 12.49
C ALA B 139 23.14 -23.72 13.48
N GLY B 140 22.75 -23.64 14.75
CA GLY B 140 23.65 -23.10 15.78
C GLY B 140 23.63 -21.57 15.89
N LEU B 141 22.55 -20.95 15.39
CA LEU B 141 22.32 -19.51 15.53
C LEU B 141 21.55 -19.17 16.81
N ALA B 142 21.74 -17.97 17.32
CA ALA B 142 20.94 -17.59 18.47
C ALA B 142 19.55 -17.21 17.95
N THR B 143 18.55 -17.35 18.80
CA THR B 143 17.20 -17.06 18.38
C THR B 143 16.47 -16.13 19.32
N GLY B 144 15.89 -15.07 18.76
CA GLY B 144 15.00 -14.20 19.53
C GLY B 144 13.58 -14.11 19.02
N ASN B 145 12.64 -14.06 19.97
CA ASN B 145 11.23 -13.91 19.74
C ASN B 145 10.64 -12.92 20.76
N VAL B 146 10.31 -11.71 20.27
CA VAL B 146 9.88 -10.54 21.10
C VAL B 146 8.52 -9.98 20.68
N SER B 147 7.64 -9.70 21.64
CA SER B 147 6.33 -9.18 21.27
C SER B 147 5.65 -8.46 22.44
N THR B 148 4.87 -7.44 22.12
CA THR B 148 3.99 -6.76 23.10
C THR B 148 2.73 -7.53 23.32
N ALA B 149 2.54 -8.59 22.54
CA ALA B 149 1.38 -9.51 22.81
C ALA B 149 1.69 -10.47 23.94
N GLU B 150 0.62 -11.12 24.39
CA GLU B 150 0.75 -12.33 25.18
C GLU B 150 1.53 -13.29 24.30
N LEU B 151 2.53 -13.95 24.85
CA LEU B 151 3.46 -14.74 24.01
C LEU B 151 2.82 -15.97 23.34
N GLN B 152 1.63 -16.33 23.78
CA GLN B 152 0.90 -17.41 23.12
C GLN B 152 0.19 -16.94 21.84
N ASP B 153 0.12 -15.62 21.62
CA ASP B 153 -0.69 -15.06 20.56
C ASP B 153 -0.06 -15.47 19.29
N ALA B 154 -0.80 -15.34 18.19
CA ALA B 154 -0.43 -16.01 16.92
C ALA B 154 0.96 -15.68 16.43
N THR B 155 1.26 -14.37 16.46
CA THR B 155 2.45 -13.86 15.84
C THR B 155 3.74 -14.47 16.45
N PRO B 156 3.98 -14.33 17.79
CA PRO B 156 5.14 -15.06 18.35
C PRO B 156 4.99 -16.58 18.43
N ALA B 157 3.78 -17.07 18.70
CA ALA B 157 3.59 -18.53 18.75
C ALA B 157 4.02 -19.27 17.48
N ALA B 158 3.77 -18.66 16.32
CA ALA B 158 3.98 -19.34 15.04
C ALA B 158 5.44 -19.80 14.89
N LEU B 159 6.36 -19.13 15.57
CA LEU B 159 7.74 -19.48 15.36
C LEU B 159 8.16 -20.73 16.14
N VAL B 160 7.39 -21.11 17.15
CA VAL B 160 7.82 -22.15 18.15
C VAL B 160 6.77 -23.24 18.49
N ALA B 161 5.60 -23.15 17.86
CA ALA B 161 4.46 -24.01 18.18
C ALA B 161 3.76 -24.52 16.90
N HIS B 162 3.35 -25.79 16.89
CA HIS B 162 2.62 -26.35 15.74
C HIS B 162 1.31 -26.85 16.25
N VAL B 163 0.25 -26.10 15.93
CA VAL B 163 -1.07 -26.44 16.44
C VAL B 163 -2.17 -26.07 15.49
N THR B 164 -3.25 -26.83 15.61
CA THR B 164 -4.38 -26.80 14.68
C THR B 164 -5.34 -25.66 14.92
N SER B 165 -5.35 -25.09 16.14
CA SER B 165 -6.03 -23.82 16.45
C SER B 165 -5.16 -22.94 17.42
N ARG B 166 -4.99 -21.69 17.00
CA ARG B 166 -4.33 -20.65 17.76
C ARG B 166 -4.96 -20.45 19.15
N LYS B 167 -6.15 -20.98 19.39
CA LYS B 167 -6.67 -20.86 20.79
C LYS B 167 -6.00 -21.77 21.84
N CYS B 168 -5.09 -22.64 21.40
CA CYS B 168 -4.53 -23.74 22.25
C CYS B 168 -3.34 -23.24 23.07
N TYR B 169 -3.66 -22.28 23.92
CA TYR B 169 -2.66 -21.51 24.71
C TYR B 169 -1.86 -22.40 25.66
N GLY B 170 -2.58 -23.15 26.46
CA GLY B 170 -1.98 -24.07 27.40
C GLY B 170 -2.67 -25.43 27.35
N PRO B 171 -2.41 -26.27 28.38
CA PRO B 171 -2.94 -27.64 28.44
C PRO B 171 -4.44 -27.71 28.33
N SER B 172 -5.10 -26.85 29.07
CA SER B 172 -6.52 -26.90 29.20
C SER B 172 -7.27 -26.68 27.89
N ALA B 173 -6.94 -25.57 27.23
CA ALA B 173 -7.55 -25.23 25.99
C ALA B 173 -7.09 -26.18 24.92
N THR B 174 -5.84 -26.60 24.93
CA THR B 174 -5.34 -27.56 23.95
C THR B 174 -6.06 -28.93 24.00
N SER B 175 -6.38 -29.39 25.21
CA SER B 175 -7.07 -30.66 25.39
C SER B 175 -8.42 -30.59 24.78
N GLU B 176 -9.09 -29.49 25.01
CA GLU B 176 -10.44 -29.31 24.51
C GLU B 176 -10.45 -29.00 22.99
N LYS B 177 -9.54 -28.18 22.48
CA LYS B 177 -9.71 -27.66 21.15
C LYS B 177 -8.70 -28.17 20.16
N CYS B 178 -7.53 -28.59 20.60
CA CYS B 178 -6.56 -29.31 19.75
C CYS B 178 -6.22 -30.74 20.33
N PRO B 179 -7.23 -31.62 20.47
CA PRO B 179 -6.99 -32.99 20.99
C PRO B 179 -5.80 -33.69 20.33
N GLY B 180 -5.71 -33.59 19.02
CA GLY B 180 -4.53 -34.04 18.30
C GLY B 180 -3.19 -33.50 18.79
N ASN B 181 -3.19 -32.25 19.30
CA ASN B 181 -1.93 -31.67 19.78
C ASN B 181 -1.60 -31.96 21.28
N ALA B 182 -2.64 -32.22 22.05
CA ALA B 182 -2.51 -32.33 23.51
C ALA B 182 -1.54 -33.43 23.95
N LEU B 183 -0.71 -33.06 24.94
CA LEU B 183 0.39 -33.87 25.46
C LEU B 183 -0.13 -35.26 25.90
N GLU B 184 -1.20 -35.27 26.70
CA GLU B 184 -1.78 -36.50 27.20
C GLU B 184 -2.36 -37.38 26.07
N LYS B 185 -2.57 -36.83 24.87
CA LYS B 185 -2.98 -37.62 23.74
C LYS B 185 -1.77 -37.88 22.84
N GLY B 186 -0.56 -37.70 23.35
CA GLY B 186 0.61 -37.98 22.53
C GLY B 186 1.03 -36.93 21.54
N GLY B 187 0.39 -35.75 21.57
CA GLY B 187 0.82 -34.68 20.69
C GLY B 187 1.96 -33.86 21.28
N LYS B 188 2.47 -32.91 20.51
CA LYS B 188 3.61 -32.07 20.94
C LYS B 188 3.33 -31.14 22.15
N GLY B 189 2.05 -30.89 22.45
CA GLY B 189 1.66 -30.03 23.54
C GLY B 189 1.03 -28.70 23.08
N SER B 190 0.46 -28.02 24.06
CA SER B 190 0.01 -26.65 23.95
C SER B 190 1.08 -25.74 23.40
N ILE B 191 0.63 -24.54 23.03
CA ILE B 191 1.52 -23.53 22.48
C ILE B 191 2.55 -23.20 23.53
N THR B 192 2.12 -23.03 24.78
CA THR B 192 3.10 -22.68 25.81
C THR B 192 4.12 -23.82 26.05
N GLU B 193 3.69 -25.08 25.94
CA GLU B 193 4.62 -26.19 26.20
C GLU B 193 5.60 -26.30 25.08
N GLN B 194 5.10 -26.08 23.87
CA GLN B 194 5.94 -26.21 22.71
C GLN B 194 6.96 -25.07 22.72
N LEU B 195 6.50 -23.90 23.13
CA LEU B 195 7.39 -22.70 23.30
C LEU B 195 8.56 -23.08 24.26
N LEU B 196 8.21 -23.70 25.37
CA LEU B 196 9.23 -24.16 26.31
C LEU B 196 10.17 -25.19 25.69
N ASN B 197 9.65 -26.10 24.83
CA ASN B 197 10.54 -27.06 24.10
C ASN B 197 11.40 -26.42 23.10
N ALA B 198 10.87 -25.46 22.36
CA ALA B 198 11.66 -24.80 21.35
C ALA B 198 12.88 -24.08 21.92
N ARG B 199 12.75 -23.49 23.11
CA ARG B 199 13.93 -22.92 23.82
C ARG B 199 14.73 -21.97 22.90
N ALA B 200 14.09 -20.92 22.45
CA ALA B 200 14.83 -19.81 21.87
C ALA B 200 15.74 -19.23 22.98
N ASP B 201 16.82 -18.60 22.58
CA ASP B 201 17.71 -17.99 23.54
C ASP B 201 17.04 -16.85 24.25
N VAL B 202 16.22 -16.11 23.49
CA VAL B 202 15.52 -14.95 24.07
C VAL B 202 14.03 -14.86 23.73
N THR B 203 13.17 -14.92 24.72
CA THR B 203 11.76 -14.82 24.51
C THR B 203 11.18 -13.78 25.48
N LEU B 204 10.72 -12.64 24.95
CA LEU B 204 10.18 -11.55 25.78
C LEU B 204 8.78 -11.07 25.37
N GLY B 205 7.87 -10.96 26.30
CA GLY B 205 6.55 -10.46 26.01
C GLY B 205 5.63 -10.54 27.18
N GLY B 206 4.33 -10.56 26.91
CA GLY B 206 3.29 -10.76 27.90
C GLY B 206 2.86 -12.22 27.95
N GLY B 207 1.68 -12.45 28.47
CA GLY B 207 1.14 -13.79 28.57
C GLY B 207 1.59 -14.67 29.76
N ALA B 208 1.91 -14.08 30.90
CA ALA B 208 2.16 -14.83 32.14
C ALA B 208 1.00 -15.74 32.59
N LYS B 209 -0.20 -15.28 32.38
CA LYS B 209 -1.34 -15.97 32.84
C LYS B 209 -1.32 -17.45 32.53
N THR B 210 -0.99 -17.81 31.28
CA THR B 210 -1.13 -19.19 30.86
C THR B 210 -0.06 -20.00 31.60
N PHE B 211 1.02 -19.36 32.08
CA PHE B 211 2.08 -20.09 32.79
C PHE B 211 1.69 -20.62 34.15
N ALA B 212 0.58 -20.12 34.68
CA ALA B 212 -0.03 -20.64 35.88
C ALA B 212 -0.70 -22.01 35.77
N GLU B 213 -0.94 -22.50 34.54
CA GLU B 213 -1.51 -23.84 34.38
C GLU B 213 -0.47 -24.87 34.70
N THR B 214 -0.94 -26.02 35.14
CA THR B 214 -0.10 -27.19 35.37
C THR B 214 -0.22 -28.16 34.21
N ALA B 215 0.88 -28.81 33.86
CA ALA B 215 0.85 -29.78 32.78
C ALA B 215 0.21 -31.08 33.23
N THR B 216 -0.56 -31.69 32.30
CA THR B 216 -1.37 -32.86 32.59
C THR B 216 -0.59 -34.13 32.24
N ALA B 217 0.65 -34.04 31.81
CA ALA B 217 1.42 -35.20 31.40
C ALA B 217 2.88 -34.74 31.12
N GLY B 218 3.73 -35.61 30.62
CA GLY B 218 5.10 -35.25 30.34
C GLY B 218 5.95 -35.23 31.61
N GLU B 219 7.22 -34.95 31.37
CA GLU B 219 8.25 -35.03 32.40
C GLU B 219 8.04 -34.07 33.56
N TRP B 220 7.17 -33.04 33.37
CA TRP B 220 6.98 -32.01 34.41
C TRP B 220 5.57 -31.97 34.88
N GLN B 221 4.97 -33.13 34.93
CA GLN B 221 3.54 -33.20 35.24
C GLN B 221 3.19 -32.67 36.67
N GLY B 222 1.97 -32.20 36.84
CA GLY B 222 1.57 -31.56 38.09
C GLY B 222 2.19 -30.17 38.39
N LYS B 223 3.27 -29.80 37.71
CA LYS B 223 3.91 -28.48 37.91
C LYS B 223 3.33 -27.42 36.94
N THR B 224 3.22 -26.19 37.45
CA THR B 224 2.90 -25.02 36.63
C THR B 224 3.92 -24.95 35.57
N LEU B 225 3.56 -24.30 34.45
CA LEU B 225 4.48 -24.18 33.33
C LEU B 225 5.61 -23.23 33.69
N ARG B 226 5.34 -22.34 34.64
CA ARG B 226 6.39 -21.46 35.22
C ARG B 226 7.48 -22.30 35.89
N GLU B 227 7.05 -23.19 36.77
CA GLU B 227 7.94 -24.12 37.44
C GLU B 227 8.74 -24.94 36.43
N GLN B 228 8.05 -25.40 35.39
CA GLN B 228 8.71 -26.21 34.37
C GLN B 228 9.80 -25.38 33.79
N ALA B 229 9.48 -24.12 33.50
CA ALA B 229 10.47 -23.25 32.92
C ALA B 229 11.74 -23.16 33.84
N GLN B 230 11.49 -22.94 35.14
CA GLN B 230 12.59 -22.88 36.12
C GLN B 230 13.25 -24.19 36.21
N ALA B 231 12.48 -25.26 36.34
CA ALA B 231 13.09 -26.60 36.31
C ALA B 231 13.95 -26.80 35.07
N ARG B 232 13.59 -26.19 33.94
CA ARG B 232 14.39 -26.46 32.73
C ARG B 232 15.54 -25.52 32.47
N GLY B 233 15.90 -24.71 33.46
CA GLY B 233 17.09 -23.84 33.32
C GLY B 233 16.86 -22.41 32.81
N TYR B 234 15.59 -22.00 32.75
CA TYR B 234 15.23 -20.71 32.15
C TYR B 234 15.36 -19.67 33.25
N GLN B 235 15.91 -18.49 32.89
CA GLN B 235 15.92 -17.30 33.81
C GLN B 235 14.70 -16.56 33.45
N LEU B 236 13.90 -16.30 34.45
CA LEU B 236 12.64 -15.61 34.30
C LEU B 236 12.83 -14.18 34.72
N VAL B 237 12.47 -13.23 33.86
CA VAL B 237 12.38 -11.85 34.31
C VAL B 237 10.98 -11.35 34.12
N SER B 238 10.58 -10.33 34.89
CA SER B 238 9.26 -9.81 34.72
C SER B 238 9.09 -8.28 34.77
N ASP B 239 10.18 -7.52 34.75
CA ASP B 239 10.09 -6.10 34.63
C ASP B 239 11.38 -5.54 34.00
N ALA B 240 11.39 -4.25 33.79
CA ALA B 240 12.46 -3.66 32.96
C ALA B 240 13.81 -3.71 33.64
N ALA B 241 13.88 -3.52 34.96
CA ALA B 241 15.18 -3.59 35.69
C ALA B 241 15.78 -5.03 35.77
N SER B 242 14.92 -5.98 36.08
CA SER B 242 15.34 -7.40 36.04
C SER B 242 15.78 -7.80 34.63
N LEU B 243 15.13 -7.28 33.58
CA LEU B 243 15.53 -7.61 32.19
C LEU B 243 16.87 -7.04 31.87
N ASN B 244 17.01 -5.77 32.24
CA ASN B 244 18.27 -5.06 32.02
C ASN B 244 19.46 -5.69 32.76
N SER B 245 19.24 -6.30 33.92
CA SER B 245 20.33 -6.98 34.67
C SER B 245 20.76 -8.31 34.08
N VAL B 246 19.97 -8.93 33.20
CA VAL B 246 20.46 -10.15 32.50
C VAL B 246 21.74 -9.90 31.67
N THR B 247 22.76 -10.75 31.87
CA THR B 247 24.06 -10.56 31.21
C THR B 247 24.33 -11.55 30.11
N GLU B 248 23.55 -12.62 30.00
CA GLU B 248 23.72 -13.63 28.95
C GLU B 248 22.41 -14.38 28.70
N ALA B 249 22.31 -15.00 27.54
CA ALA B 249 21.16 -15.86 27.26
C ALA B 249 21.64 -16.85 26.26
N ASN B 250 21.49 -18.15 26.53
CA ASN B 250 22.00 -19.17 25.63
C ASN B 250 21.25 -20.43 25.94
N GLN B 251 21.65 -21.51 25.26
CA GLN B 251 20.98 -22.77 25.46
C GLN B 251 21.12 -23.27 26.86
N GLN B 252 22.20 -22.93 27.56
CA GLN B 252 22.33 -23.39 28.99
C GLN B 252 21.46 -22.53 29.89
N LYS B 253 21.29 -21.24 29.53
CA LYS B 253 20.42 -20.34 30.29
C LYS B 253 19.61 -19.40 29.38
N PRO B 254 18.55 -19.94 28.75
CA PRO B 254 17.67 -19.18 27.93
C PRO B 254 16.87 -18.17 28.75
N LEU B 255 16.52 -17.05 28.12
CA LEU B 255 15.82 -15.96 28.82
C LEU B 255 14.36 -15.98 28.46
N LEU B 256 13.52 -15.94 29.46
CA LEU B 256 12.12 -15.82 29.22
C LEU B 256 11.61 -14.65 30.05
N GLY B 257 11.25 -13.56 29.38
CA GLY B 257 10.65 -12.38 30.04
C GLY B 257 9.15 -12.35 29.92
N LEU B 258 8.44 -12.31 31.05
CA LEU B 258 6.98 -12.24 31.11
C LEU B 258 6.53 -10.95 31.76
N PHE B 259 6.20 -9.94 30.96
CA PHE B 259 6.02 -8.59 31.51
C PHE B 259 4.61 -8.18 31.75
N ALA B 260 3.67 -9.11 31.68
CA ALA B 260 2.28 -8.80 31.95
C ALA B 260 1.55 -10.12 31.88
N ASP B 261 0.34 -10.09 32.42
CA ASP B 261 -0.48 -11.23 32.52
C ASP B 261 -1.14 -11.64 31.18
N GLY B 262 -1.62 -10.65 30.43
CA GLY B 262 -2.06 -10.88 29.09
C GLY B 262 -1.20 -10.04 28.17
N ASN B 263 -1.83 -9.15 27.40
CA ASN B 263 -1.08 -8.25 26.53
C ASN B 263 -0.36 -7.16 27.33
N MET B 264 0.81 -6.75 26.87
CA MET B 264 1.49 -5.61 27.48
C MET B 264 0.71 -4.30 27.22
N PRO B 265 0.71 -3.33 28.14
CA PRO B 265 -0.16 -2.14 27.99
C PRO B 265 0.26 -1.24 26.87
N VAL B 266 -0.71 -0.57 26.28
CA VAL B 266 -0.43 0.34 25.17
C VAL B 266 0.24 1.61 25.68
N ARG B 267 1.00 2.25 24.80
CA ARG B 267 1.76 3.46 25.13
C ARG B 267 0.84 4.69 25.20
N TRP B 268 -0.17 4.80 24.34
CA TRP B 268 -1.07 5.97 24.36
C TRP B 268 -2.49 5.69 24.65
N LEU B 269 -3.10 6.66 25.30
CA LEU B 269 -4.51 6.67 25.59
C LEU B 269 -5.23 7.76 24.78
N GLY B 270 -6.42 7.42 24.34
CA GLY B 270 -7.34 8.33 23.77
C GLY B 270 -8.67 7.63 23.77
N PRO B 271 -9.73 8.34 23.42
CA PRO B 271 -11.03 7.79 23.38
C PRO B 271 -11.23 6.90 22.18
N LYS B 272 -12.21 6.03 22.28
CA LYS B 272 -12.67 5.17 21.20
C LYS B 272 -13.44 5.97 20.12
N ALA B 273 -13.21 5.65 18.84
CA ALA B 273 -13.95 6.33 17.79
C ALA B 273 -15.40 5.99 17.99
N THR B 274 -16.29 6.87 17.51
CA THR B 274 -17.71 6.69 17.66
C THR B 274 -18.46 7.10 16.39
N TYR B 275 -19.73 6.72 16.36
CA TYR B 275 -20.60 7.06 15.27
C TYR B 275 -20.71 8.57 15.16
N HIS B 276 -20.35 9.09 14.00
CA HIS B 276 -20.36 10.54 13.75
C HIS B 276 -19.41 11.27 14.71
N GLY B 277 -18.35 10.60 15.15
CA GLY B 277 -17.54 11.19 16.18
C GLY B 277 -16.66 12.32 15.72
N ASN B 278 -16.32 12.31 14.45
CA ASN B 278 -15.57 13.41 13.86
C ASN B 278 -16.43 14.66 13.71
N ILE B 279 -17.75 14.52 13.82
CA ILE B 279 -18.70 15.62 13.64
C ILE B 279 -19.29 16.16 15.00
N ASP B 280 -19.45 15.26 15.98
N ASP B 280 -19.46 15.27 15.98
CA ASP B 280 -20.18 15.49 17.26
CA ASP B 280 -20.14 15.60 17.25
C ASP B 280 -19.22 15.63 18.47
C ASP B 280 -19.24 15.54 18.49
N LYS B 281 -17.94 15.31 18.30
CA LYS B 281 -16.97 15.39 19.37
C LYS B 281 -15.88 16.31 18.90
N PRO B 282 -15.28 17.09 19.81
CA PRO B 282 -14.13 17.86 19.38
C PRO B 282 -12.98 16.96 18.90
N ALA B 283 -12.02 17.54 18.20
CA ALA B 283 -10.81 16.84 17.83
C ALA B 283 -10.10 16.37 19.09
N VAL B 284 -9.33 15.30 18.96
CA VAL B 284 -8.66 14.66 20.10
C VAL B 284 -7.17 14.86 20.02
N THR B 285 -6.55 14.92 21.19
CA THR B 285 -5.08 14.78 21.27
C THR B 285 -4.74 13.57 22.13
N CYS B 286 -3.84 12.72 21.68
CA CYS B 286 -3.52 11.51 22.41
C CYS B 286 -2.64 11.91 23.61
N THR B 287 -2.58 11.11 24.67
CA THR B 287 -1.69 11.35 25.83
C THR B 287 -1.02 10.05 26.23
N PRO B 288 0.20 10.10 26.79
CA PRO B 288 0.80 8.83 27.24
C PRO B 288 -0.09 8.14 28.21
N ASN B 289 -0.15 6.81 28.11
CA ASN B 289 -1.15 6.06 28.86
C ASN B 289 -0.85 6.15 30.36
N PRO B 290 -1.70 6.85 31.13
CA PRO B 290 -1.38 6.98 32.54
C PRO B 290 -1.34 5.64 33.31
N GLN B 291 -1.93 4.59 32.77
CA GLN B 291 -1.93 3.26 33.40
C GLN B 291 -0.71 2.40 33.16
N ARG B 292 0.14 2.69 32.16
N ARG B 292 0.16 2.79 32.24
CA ARG B 292 1.36 1.88 31.87
CA ARG B 292 1.33 2.00 31.91
C ARG B 292 2.50 2.29 32.79
C ARG B 292 2.50 2.32 32.82
N ASN B 293 2.77 1.41 33.76
CA ASN B 293 3.81 1.57 34.76
C ASN B 293 5.10 1.77 34.07
N ASP B 294 5.92 2.73 34.53
CA ASP B 294 7.29 2.94 33.99
C ASP B 294 8.19 1.69 34.10
N SER B 295 7.85 0.70 34.93
CA SER B 295 8.71 -0.46 35.11
C SER B 295 8.49 -1.61 34.09
N VAL B 296 7.51 -1.44 33.20
CA VAL B 296 7.26 -2.32 32.04
C VAL B 296 8.14 -1.92 30.88
N PRO B 297 9.01 -2.82 30.41
CA PRO B 297 9.87 -2.41 29.38
C PRO B 297 9.12 -2.12 28.12
N THR B 298 9.60 -1.16 27.33
CA THR B 298 9.00 -0.88 26.01
C THR B 298 9.54 -1.89 24.98
N LEU B 299 9.05 -1.79 23.76
CA LEU B 299 9.39 -2.72 22.77
C LEU B 299 10.79 -2.45 22.26
N ALA B 300 11.15 -1.19 22.21
CA ALA B 300 12.56 -0.85 21.83
C ALA B 300 13.55 -1.30 22.93
N GLN B 301 13.13 -1.28 24.21
CA GLN B 301 13.99 -1.73 25.35
C GLN B 301 14.11 -3.24 25.36
N MET B 302 12.99 -3.94 25.12
CA MET B 302 13.06 -5.40 24.84
C MET B 302 13.99 -5.69 23.67
N THR B 303 13.84 -4.88 22.65
CA THR B 303 14.67 -5.10 21.48
C THR B 303 16.15 -4.90 21.75
N ASP B 304 16.51 -3.88 22.56
CA ASP B 304 17.93 -3.60 22.97
C ASP B 304 18.60 -4.80 23.58
N LYS B 305 17.95 -5.34 24.58
CA LYS B 305 18.51 -6.42 25.33
C LYS B 305 18.65 -7.66 24.46
N ALA B 306 17.61 -7.96 23.70
CA ALA B 306 17.66 -9.07 22.77
C ALA B 306 18.80 -8.91 21.75
N ILE B 307 18.89 -7.79 21.09
CA ILE B 307 20.01 -7.62 20.20
C ILE B 307 21.35 -7.80 20.93
N GLU B 308 21.45 -7.24 22.14
CA GLU B 308 22.69 -7.26 22.90
C GLU B 308 23.11 -8.71 23.21
N LEU B 309 22.16 -9.50 23.64
CA LEU B 309 22.43 -10.87 24.03
C LEU B 309 22.71 -11.79 22.86
N LEU B 310 22.04 -11.57 21.73
CA LEU B 310 22.06 -12.53 20.64
C LEU B 310 23.26 -12.26 19.80
N SER B 311 23.67 -10.98 19.76
CA SER B 311 24.79 -10.57 18.91
C SER B 311 26.11 -11.15 19.42
N LYS B 312 26.08 -11.71 20.62
CA LYS B 312 27.24 -12.38 21.18
C LYS B 312 27.57 -13.72 20.48
N ASN B 313 26.59 -14.35 19.86
CA ASN B 313 26.80 -15.58 19.13
C ASN B 313 27.58 -15.29 17.85
N GLU B 314 28.80 -15.85 17.75
CA GLU B 314 29.74 -15.58 16.64
C GLU B 314 29.18 -16.03 15.28
N LYS B 315 28.27 -16.99 15.30
CA LYS B 315 27.73 -17.55 14.07
C LYS B 315 26.63 -16.65 13.52
N GLY B 316 25.82 -16.05 14.38
CA GLY B 316 24.74 -15.17 13.89
C GLY B 316 23.48 -15.35 14.72
N PHE B 317 22.43 -14.61 14.37
CA PHE B 317 21.17 -14.71 15.07
C PHE B 317 19.99 -14.36 14.22
N PHE B 318 18.85 -14.89 14.63
CA PHE B 318 17.57 -14.54 14.02
C PHE B 318 16.66 -14.02 15.10
N LEU B 319 16.00 -12.90 14.79
CA LEU B 319 15.22 -12.18 15.77
C LEU B 319 13.95 -11.66 15.13
N GLN B 320 12.82 -11.99 15.76
CA GLN B 320 11.53 -11.43 15.41
C GLN B 320 10.99 -10.53 16.51
N VAL B 321 10.52 -9.36 16.09
CA VAL B 321 10.02 -8.30 16.99
C VAL B 321 8.64 -7.91 16.51
N GLU B 322 7.62 -8.04 17.35
CA GLU B 322 6.31 -7.66 16.92
C GLU B 322 5.72 -6.53 17.75
N GLY B 323 5.37 -5.46 17.06
CA GLY B 323 4.44 -4.46 17.56
C GLY B 323 3.03 -4.94 17.45
N ALA B 324 2.60 -5.66 18.47
CA ALA B 324 1.41 -6.49 18.40
C ALA B 324 0.15 -5.69 18.48
N SER B 325 0.14 -4.55 19.17
CA SER B 325 -1.13 -3.91 19.49
C SER B 325 -1.61 -2.79 18.52
N ILE B 326 -0.87 -2.60 17.45
CA ILE B 326 -1.36 -1.77 16.36
C ILE B 326 -2.67 -2.38 15.92
N ASP B 327 -2.59 -3.68 15.59
CA ASP B 327 -3.75 -4.44 15.20
C ASP B 327 -4.81 -4.37 16.27
N LYS B 328 -4.47 -4.61 17.54
CA LYS B 328 -5.51 -4.81 18.58
C LYS B 328 -6.30 -3.53 18.81
N GLN B 329 -5.65 -2.38 18.74
CA GLN B 329 -6.35 -1.08 18.92
C GLN B 329 -7.09 -0.66 17.65
N ASP B 330 -6.62 -1.09 16.47
CA ASP B 330 -7.33 -0.93 15.17
C ASP B 330 -8.64 -1.71 15.36
N HIS B 331 -8.58 -2.97 15.85
CA HIS B 331 -9.86 -3.71 16.13
C HIS B 331 -10.75 -2.92 17.04
N ALA B 332 -10.14 -2.26 18.05
CA ALA B 332 -10.92 -1.52 19.03
C ALA B 332 -11.33 -0.16 18.53
N ALA B 333 -11.00 0.20 17.28
CA ALA B 333 -11.35 1.53 16.74
C ALA B 333 -10.81 2.66 17.66
N ASN B 334 -9.56 2.50 18.06
CA ASN B 334 -8.87 3.46 18.96
C ASN B 334 -7.65 4.09 18.34
N PRO B 335 -7.87 5.20 17.62
CA PRO B 335 -6.78 5.80 16.89
C PRO B 335 -5.56 6.08 17.71
N CYS B 336 -5.71 6.71 18.87
CA CYS B 336 -4.51 7.02 19.70
C CYS B 336 -3.78 5.73 20.11
N GLY B 337 -4.54 4.71 20.49
CA GLY B 337 -3.83 3.51 20.88
C GLY B 337 -3.08 2.94 19.69
N GLN B 338 -3.75 2.93 18.54
CA GLN B 338 -3.22 2.41 17.27
C GLN B 338 -1.97 3.14 16.81
N ILE B 339 -2.10 4.45 16.78
CA ILE B 339 -0.95 5.26 16.39
C ILE B 339 0.23 5.14 17.36
N GLY B 340 -0.07 5.18 18.65
CA GLY B 340 0.99 5.05 19.67
C GLY B 340 1.74 3.75 19.55
N GLU B 341 1.04 2.68 19.20
CA GLU B 341 1.71 1.39 19.02
C GLU B 341 2.54 1.38 17.73
N THR B 342 2.21 2.25 16.79
CA THR B 342 3.01 2.38 15.57
C THR B 342 4.28 3.17 15.85
N VAL B 343 4.13 4.28 16.57
CA VAL B 343 5.28 5.03 17.14
C VAL B 343 6.22 4.08 17.96
N ASP B 344 5.59 3.27 18.78
CA ASP B 344 6.33 2.33 19.58
C ASP B 344 7.19 1.47 18.69
N LEU B 345 6.58 0.93 17.64
CA LEU B 345 7.32 0.07 16.76
C LEU B 345 8.44 0.79 16.06
N ASP B 346 8.21 2.05 15.68
CA ASP B 346 9.20 2.77 14.90
C ASP B 346 10.48 2.91 15.74
N GLU B 347 10.29 3.10 17.05
CA GLU B 347 11.43 3.13 17.97
C GLU B 347 12.20 1.82 17.96
N ALA B 348 11.49 0.71 18.04
CA ALA B 348 12.19 -0.59 17.97
C ALA B 348 12.90 -0.77 16.61
N VAL B 349 12.33 -0.19 15.57
CA VAL B 349 12.90 -0.34 14.27
C VAL B 349 14.18 0.45 14.18
N GLN B 350 14.16 1.65 14.73
CA GLN B 350 15.42 2.46 14.78
C GLN B 350 16.53 1.70 15.48
N ARG B 351 16.21 1.03 16.58
N ARG B 351 16.19 1.00 16.56
CA ARG B 351 17.21 0.22 17.25
CA ARG B 351 17.20 0.22 17.26
C ARG B 351 17.81 -0.76 16.26
C ARG B 351 17.78 -0.90 16.40
N ALA B 352 16.94 -1.48 15.56
CA ALA B 352 17.39 -2.53 14.68
C ALA B 352 18.27 -2.00 13.57
N LEU B 353 17.88 -0.87 12.99
CA LEU B 353 18.66 -0.29 11.90
C LEU B 353 20.00 0.23 12.38
N GLU B 354 20.04 0.75 13.59
CA GLU B 354 21.28 1.28 14.13
C GLU B 354 22.27 0.19 14.40
N PHE B 355 21.81 -0.93 14.98
CA PHE B 355 22.69 -2.08 15.11
C PHE B 355 23.15 -2.54 13.70
N ALA B 356 22.18 -2.66 12.78
CA ALA B 356 22.47 -3.25 11.47
C ALA B 356 23.45 -2.43 10.62
N LYS B 357 23.32 -1.12 10.70
CA LYS B 357 24.23 -0.21 9.98
C LYS B 357 25.69 -0.30 10.42
N LYS B 358 25.87 -0.49 11.70
CA LYS B 358 27.19 -0.55 12.30
C LYS B 358 27.79 -1.95 12.12
N GLU B 359 26.97 -2.98 12.29
CA GLU B 359 27.40 -4.36 12.12
C GLU B 359 27.63 -4.72 10.63
N GLY B 360 26.84 -4.16 9.71
CA GLY B 360 27.11 -4.37 8.27
C GLY B 360 26.68 -5.69 7.58
N ASN B 361 26.30 -6.71 8.35
CA ASN B 361 25.86 -8.00 7.83
C ASN B 361 24.53 -8.44 8.37
N THR B 362 23.61 -7.52 8.46
CA THR B 362 22.38 -7.80 9.14
C THR B 362 21.26 -7.34 8.27
N LEU B 363 20.32 -8.22 8.06
CA LEU B 363 19.22 -7.95 7.17
C LEU B 363 18.06 -7.63 8.07
N VAL B 364 17.48 -6.44 7.88
CA VAL B 364 16.39 -5.96 8.66
C VAL B 364 15.20 -5.82 7.76
N ILE B 365 14.06 -6.32 8.20
CA ILE B 365 12.83 -6.30 7.40
C ILE B 365 11.71 -5.77 8.22
N VAL B 366 10.90 -4.89 7.63
CA VAL B 366 9.78 -4.35 8.32
C VAL B 366 8.50 -4.49 7.47
N THR B 367 7.51 -5.18 8.03
CA THR B 367 6.22 -5.34 7.35
C THR B 367 5.10 -5.62 8.38
N ALA B 368 3.96 -6.08 7.87
CA ALA B 368 2.81 -6.45 8.64
C ALA B 368 2.32 -7.81 8.19
N ASP B 369 1.50 -8.41 9.05
CA ASP B 369 0.90 -9.70 8.73
C ASP B 369 -0.25 -9.56 7.74
N HIS B 370 -0.97 -8.44 7.83
CA HIS B 370 -2.13 -8.23 6.92
C HIS B 370 -2.59 -6.82 7.09
N ALA B 371 -3.48 -6.35 6.21
CA ALA B 371 -4.05 -5.03 6.34
C ALA B 371 -5.22 -4.92 7.31
N HIS B 372 -5.81 -3.72 7.48
CA HIS B 372 -6.83 -3.54 8.57
C HIS B 372 -7.93 -2.57 8.18
N ALA B 373 -8.72 -2.11 9.14
CA ALA B 373 -9.86 -1.28 8.88
C ALA B 373 -9.57 0.21 8.68
N SER B 374 -8.70 0.76 9.50
CA SER B 374 -8.57 2.17 9.60
C SER B 374 -8.26 2.81 8.24
N GLN B 375 -9.07 3.83 7.94
CA GLN B 375 -8.92 4.70 6.79
C GLN B 375 -8.80 6.17 7.20
N ILE B 376 -7.95 6.89 6.48
CA ILE B 376 -7.86 8.32 6.61
C ILE B 376 -8.86 8.93 5.62
N VAL B 377 -9.77 9.74 6.13
CA VAL B 377 -10.79 10.38 5.32
C VAL B 377 -10.89 11.87 5.62
N ALA B 378 -11.65 12.60 4.78
CA ALA B 378 -11.81 14.05 4.94
C ALA B 378 -12.54 14.46 6.23
N PRO B 379 -12.18 15.64 6.77
CA PRO B 379 -12.73 16.07 8.05
C PRO B 379 -14.23 16.19 8.07
N ASP B 380 -14.84 16.50 6.95
CA ASP B 380 -16.29 16.67 6.98
C ASP B 380 -17.05 15.34 6.75
N THR B 381 -16.31 14.24 6.58
CA THR B 381 -16.89 12.91 6.33
C THR B 381 -18.10 12.57 7.23
N LYS B 382 -19.20 12.13 6.62
CA LYS B 382 -20.32 11.51 7.32
C LYS B 382 -20.41 10.05 6.96
N ALA B 383 -19.86 9.22 7.84
CA ALA B 383 -19.65 7.84 7.54
C ALA B 383 -20.56 7.00 8.41
N PRO B 384 -20.86 5.76 7.98
CA PRO B 384 -21.77 4.94 8.76
C PRO B 384 -21.06 4.18 9.87
N GLY B 385 -19.74 4.07 9.85
CA GLY B 385 -19.09 3.34 10.97
C GLY B 385 -18.66 4.26 12.12
N LEU B 386 -17.43 4.06 12.59
CA LEU B 386 -16.85 4.78 13.75
C LEU B 386 -15.76 5.71 13.28
N THR B 387 -15.83 6.99 13.67
CA THR B 387 -14.78 7.95 13.27
C THR B 387 -14.34 8.81 14.43
N GLN B 388 -13.30 9.59 14.20
CA GLN B 388 -12.77 10.46 15.20
C GLN B 388 -11.82 11.45 14.57
N ALA B 389 -11.77 12.67 15.09
CA ALA B 389 -10.88 13.72 14.55
C ALA B 389 -9.74 13.85 15.49
N LEU B 390 -8.56 14.00 14.88
CA LEU B 390 -7.34 14.16 15.60
C LEU B 390 -6.68 15.43 15.17
N ASN B 391 -6.10 16.14 16.16
CA ASN B 391 -5.12 17.23 15.91
C ASN B 391 -3.75 16.66 15.71
N THR B 392 -3.14 16.95 14.57
CA THR B 392 -1.82 16.40 14.25
C THR B 392 -0.68 17.28 14.62
N LYS B 393 0.52 16.75 14.55
CA LYS B 393 1.70 17.59 14.65
C LYS B 393 1.69 18.80 13.69
N ASP B 394 1.07 18.70 12.52
CA ASP B 394 1.03 19.86 11.61
C ASP B 394 0.10 20.95 12.13
N GLY B 395 -0.72 20.66 13.14
CA GLY B 395 -1.76 21.62 13.50
C GLY B 395 -3.00 21.60 12.59
N ALA B 396 -3.23 20.47 11.93
CA ALA B 396 -4.45 20.26 11.15
C ALA B 396 -5.18 19.09 11.72
N VAL B 397 -6.44 18.96 11.35
CA VAL B 397 -7.31 17.86 11.70
C VAL B 397 -7.13 16.67 10.70
N MET B 398 -6.91 15.47 11.22
CA MET B 398 -7.03 14.26 10.40
C MET B 398 -8.19 13.47 10.96
N VAL B 399 -9.06 12.96 10.07
CA VAL B 399 -10.10 12.02 10.51
C VAL B 399 -9.81 10.57 10.14
N MET B 400 -10.07 9.67 11.09
CA MET B 400 -9.89 8.25 10.89
C MET B 400 -11.23 7.60 10.96
N SER B 401 -11.46 6.66 10.02
CA SER B 401 -12.74 5.93 9.91
C SER B 401 -12.53 4.43 10.00
N TYR B 402 -13.44 3.79 10.75
CA TYR B 402 -13.43 2.35 10.91
C TYR B 402 -14.80 1.92 10.46
N GLY B 403 -14.89 1.43 9.21
CA GLY B 403 -16.21 1.24 8.55
C GLY B 403 -16.58 -0.14 8.06
N ASN B 404 -15.90 -1.19 8.52
CA ASN B 404 -16.12 -2.52 7.98
C ASN B 404 -16.70 -3.54 9.02
N SER B 405 -17.19 -3.07 10.16
CA SER B 405 -17.98 -3.97 11.03
C SER B 405 -18.95 -3.31 11.95
N GLU B 406 -20.15 -3.88 11.96
CA GLU B 406 -21.19 -3.54 12.90
C GLU B 406 -21.01 -4.23 14.24
N GLU B 407 -20.14 -5.20 14.37
CA GLU B 407 -19.98 -5.86 15.65
C GLU B 407 -18.93 -5.10 16.43
N ASP B 408 -18.41 -5.66 17.47
CA ASP B 408 -17.60 -4.81 18.27
C ASP B 408 -16.16 -4.83 17.84
N SER B 409 -15.86 -5.40 16.69
CA SER B 409 -14.49 -5.54 16.34
C SER B 409 -14.28 -5.23 14.87
N GLN B 410 -13.50 -4.19 14.64
CA GLN B 410 -13.20 -3.78 13.28
C GLN B 410 -12.30 -4.86 12.70
N GLU B 411 -12.49 -5.15 11.42
CA GLU B 411 -11.94 -6.35 10.85
C GLU B 411 -10.77 -6.09 9.96
N HIS B 412 -9.97 -7.14 9.79
CA HIS B 412 -8.87 -7.12 8.85
C HIS B 412 -9.30 -6.81 7.41
N THR B 413 -8.35 -6.38 6.58
CA THR B 413 -8.59 -6.26 5.17
C THR B 413 -7.54 -6.95 4.30
N GLY B 414 -7.97 -7.21 3.07
CA GLY B 414 -7.25 -8.07 2.16
C GLY B 414 -6.13 -7.45 1.34
N SER B 415 -6.05 -6.12 1.36
CA SER B 415 -5.11 -5.39 0.54
C SER B 415 -3.70 -5.81 0.75
N GLN B 416 -2.99 -5.95 -0.37
CA GLN B 416 -1.59 -6.07 -0.35
C GLN B 416 -1.02 -4.86 0.41
N LEU B 417 0.20 -4.99 0.88
CA LEU B 417 0.81 -3.95 1.70
C LEU B 417 2.29 -3.92 1.68
N ARG B 418 2.84 -2.85 2.27
CA ARG B 418 4.27 -2.61 2.20
C ARG B 418 5.11 -3.62 2.95
N ILE B 419 6.22 -3.95 2.33
CA ILE B 419 7.33 -4.62 2.97
C ILE B 419 8.60 -3.88 2.54
N ALA B 420 9.46 -3.66 3.52
CA ALA B 420 10.69 -2.97 3.34
C ALA B 420 11.84 -3.68 4.03
N ALA B 421 13.04 -3.45 3.48
CA ALA B 421 14.24 -4.08 3.98
C ALA B 421 15.51 -3.30 3.75
N TYR B 422 16.52 -3.69 4.50
CA TYR B 422 17.84 -3.06 4.53
C TYR B 422 18.79 -4.21 4.77
N GLY B 423 19.91 -4.25 4.09
CA GLY B 423 20.92 -5.20 4.43
C GLY B 423 21.03 -6.28 3.36
N PRO B 424 21.82 -7.33 3.65
CA PRO B 424 22.07 -8.43 2.72
C PRO B 424 20.77 -9.05 2.23
N HIS B 425 20.61 -9.22 0.91
CA HIS B 425 19.46 -9.89 0.29
C HIS B 425 18.14 -9.08 0.34
N ALA B 426 18.20 -7.82 0.77
CA ALA B 426 17.01 -6.99 0.79
C ALA B 426 16.31 -6.81 -0.57
N ALA B 427 17.02 -7.09 -1.66
CA ALA B 427 16.45 -7.04 -3.04
C ALA B 427 15.16 -7.85 -3.20
N ASN B 428 15.10 -8.94 -2.46
CA ASN B 428 14.03 -9.92 -2.56
C ASN B 428 12.73 -9.47 -1.90
N VAL B 429 12.61 -8.22 -1.44
CA VAL B 429 11.28 -7.72 -1.00
C VAL B 429 10.73 -6.79 -2.03
N VAL B 430 11.53 -6.49 -3.06
CA VAL B 430 11.12 -5.46 -4.01
C VAL B 430 10.20 -6.00 -5.10
N GLY B 431 9.31 -5.15 -5.65
CA GLY B 431 8.27 -5.61 -6.61
C GLY B 431 7.19 -6.32 -5.81
N LEU B 432 6.37 -7.13 -6.49
CA LEU B 432 5.27 -7.85 -5.91
C LEU B 432 5.79 -9.20 -5.47
N THR B 433 5.55 -9.53 -4.21
CA THR B 433 5.96 -10.83 -3.70
C THR B 433 4.81 -11.39 -2.89
N ASP B 434 4.97 -12.61 -2.38
CA ASP B 434 3.99 -13.21 -1.48
C ASP B 434 4.61 -13.32 -0.11
N GLN B 435 3.78 -13.30 0.90
CA GLN B 435 4.27 -13.54 2.26
C GLN B 435 5.14 -14.82 2.38
N THR B 436 4.78 -15.88 1.67
CA THR B 436 5.60 -17.09 1.76
C THR B 436 6.98 -16.90 1.15
N ASP B 437 7.18 -15.94 0.23
CA ASP B 437 8.56 -15.65 -0.31
C ASP B 437 9.53 -15.17 0.77
N LEU B 438 8.95 -14.53 1.76
CA LEU B 438 9.72 -13.98 2.84
C LEU B 438 10.36 -15.12 3.63
N PHE B 439 9.67 -16.26 3.78
CA PHE B 439 10.32 -17.38 4.43
C PHE B 439 11.60 -17.68 3.69
N TYR B 440 11.48 -17.87 2.38
CA TYR B 440 12.61 -18.32 1.55
C TYR B 440 13.69 -17.25 1.43
N THR B 441 13.29 -15.99 1.41
CA THR B 441 14.28 -14.92 1.46
C THR B 441 15.14 -15.03 2.72
N MET B 442 14.51 -15.37 3.84
CA MET B 442 15.19 -15.43 5.14
C MET B 442 16.09 -16.67 5.22
N LYS B 443 15.52 -17.78 4.80
CA LYS B 443 16.24 -19.04 4.69
C LYS B 443 17.50 -18.91 3.88
N ALA B 444 17.35 -18.38 2.68
CA ALA B 444 18.46 -18.22 1.76
C ALA B 444 19.52 -17.21 2.29
N ALA B 445 19.05 -16.13 2.88
CA ALA B 445 19.95 -15.06 3.28
C ALA B 445 20.89 -15.51 4.41
N LEU B 446 20.38 -16.38 5.25
CA LEU B 446 21.17 -16.96 6.28
C LEU B 446 21.85 -18.27 5.82
N GLY B 447 21.62 -18.71 4.57
CA GLY B 447 22.15 -20.00 4.08
C GLY B 447 21.70 -21.22 4.86
N LEU B 448 20.45 -21.27 5.30
CA LEU B 448 19.97 -22.43 6.06
C LEU B 448 19.47 -23.53 5.10
N LYS B 449 19.15 -24.72 5.65
CA LYS B 449 18.64 -25.90 4.87
C LYS B 449 17.31 -26.46 5.41
#